data_8PUL
#
_entry.id   8PUL
#
_cell.length_a   74.995
_cell.length_b   95.818
_cell.length_c   151.924
_cell.angle_alpha   90.000
_cell.angle_beta   90.000
_cell.angle_gamma   90.000
#
_symmetry.space_group_name_H-M   'P 21 21 21'
#
loop_
_entity.id
_entity.type
_entity.pdbx_description
1 polymer 'ChiLob 7/4 H2 heavy chain K223C/C224S'
2 polymer 'ChiLob 7/4 H2 kappa chain C214S'
3 non-polymer GLYCEROL
4 water water
#
loop_
_entity_poly.entity_id
_entity_poly.type
_entity_poly.pdbx_seq_one_letter_code
_entity_poly.pdbx_strand_id
1 'polypeptide(L)'
;EVQLQQSGPDLVKPGASVKISCKTSGYTFTEYIMHWVKQSHGKSLEWIGGIIPNNGGTSYNQKFKDKATMTVDKSSSTGY
MELRSLTSEDSAVYYCTRREVYGRNYYALDYWGQGTLVTVSSASTKGPSVFPLAPCSRSTSESTAALGCLVKDYFPEPVT
VSWNSGALTSGVHTFPAVLQSSGLYSLSSVVTVPSSNFGTQTYTCNVDHKPSNTKVDKTVERCSCVECPPC
;
A,C
2 'polypeptide(L)'
;DIQMTQTTSSLSASLGDRVTITCSASQGINNYLNWYQQKPDGTVKLLIYYTSSLHSGVPSRFSGSGSGTDYSLTISNLEP
EDIATYYCQQYSNLPYTFGGGTKLEIKRTVAAPSVFIFPPSDEQLKSGTASVVCLLNNFYPREAKVQWKVDNALQSGNSQ
ESVTEQDSKDSTYSLSSTLTLSKADYEKHKVYACEVTHQGLSSPVTKSFNRGES
;
B,D
#
loop_
_chem_comp.id
_chem_comp.type
_chem_comp.name
_chem_comp.formula
GOL non-polymer GLYCEROL 'C3 H8 O3'
#
# COMPACT_ATOMS: atom_id res chain seq x y z
N GLU A 1 -23.52 24.98 21.10
CA GLU A 1 -23.32 23.83 22.02
C GLU A 1 -22.02 24.04 22.80
N VAL A 2 -22.06 23.72 24.09
CA VAL A 2 -20.87 23.76 24.94
C VAL A 2 -19.89 22.70 24.44
N GLN A 3 -18.61 23.05 24.36
CA GLN A 3 -17.60 22.13 23.85
C GLN A 3 -16.26 22.41 24.52
N LEU A 4 -15.60 21.32 24.95
CA LEU A 4 -14.25 21.36 25.47
C LEU A 4 -13.38 20.44 24.62
N GLN A 5 -12.48 21.04 23.84
CA GLN A 5 -11.66 20.30 22.89
C GLN A 5 -10.25 20.17 23.47
N GLN A 6 -9.85 18.94 23.77
CA GLN A 6 -8.58 18.68 24.43
C GLN A 6 -7.53 18.34 23.37
N SER A 7 -6.27 18.57 23.71
CA SER A 7 -5.16 18.27 22.82
C SER A 7 -5.04 16.77 22.63
N GLY A 8 -4.33 16.40 21.56
CA GLY A 8 -4.24 15.02 21.12
C GLY A 8 -3.36 14.18 22.03
N PRO A 9 -3.25 12.85 21.77
CA PRO A 9 -2.49 11.95 22.62
C PRO A 9 -1.00 12.26 22.55
N ASP A 10 -0.29 11.99 23.66
CA ASP A 10 1.07 12.45 23.81
C ASP A 10 1.90 11.34 24.46
N LEU A 11 3.03 11.05 23.82
CA LEU A 11 4.05 10.18 24.38
C LEU A 11 5.16 11.06 24.95
N VAL A 12 5.51 10.82 26.21
CA VAL A 12 6.54 11.60 26.89
C VAL A 12 7.37 10.66 27.76
N LYS A 13 8.61 11.10 28.03
CA LYS A 13 9.61 10.26 28.68
C LYS A 13 9.53 10.44 30.20
N PRO A 14 9.85 9.38 30.98
CA PRO A 14 9.86 9.51 32.44
C PRO A 14 10.84 10.60 32.89
N GLY A 15 10.45 11.34 33.93
CA GLY A 15 11.26 12.44 34.43
C GLY A 15 10.94 13.77 33.75
N ALA A 16 10.29 13.73 32.59
CA ALA A 16 9.99 14.91 31.81
C ALA A 16 8.66 15.51 32.29
N SER A 17 8.22 16.58 31.60
CA SER A 17 6.94 17.21 31.84
C SER A 17 6.09 17.15 30.58
N VAL A 18 4.77 17.31 30.75
CA VAL A 18 3.86 17.42 29.63
C VAL A 18 2.78 18.45 29.97
N LYS A 19 2.33 19.18 28.94
CA LYS A 19 1.30 20.19 29.08
C LYS A 19 0.12 19.83 28.17
N ILE A 20 -1.05 19.65 28.77
CA ILE A 20 -2.29 19.36 28.05
C ILE A 20 -3.11 20.63 27.95
N SER A 21 -3.78 20.84 26.82
CA SER A 21 -4.64 22.00 26.63
C SER A 21 -6.10 21.58 26.50
N CYS A 22 -6.98 22.54 26.81
CA CYS A 22 -8.43 22.36 26.78
C CYS A 22 -9.06 23.62 26.19
N LYS A 23 -9.38 23.58 24.90
CA LYS A 23 -9.92 24.72 24.17
C LYS A 23 -11.45 24.72 24.25
N THR A 24 -12.02 25.75 24.87
CA THR A 24 -13.45 25.81 25.12
C THR A 24 -14.16 26.61 24.03
N SER A 25 -15.46 26.35 23.87
CA SER A 25 -16.32 27.14 23.00
C SER A 25 -17.79 26.93 23.37
N GLY A 26 -18.66 27.84 22.90
CA GLY A 26 -20.08 27.73 23.13
C GLY A 26 -20.55 28.48 24.37
N TYR A 27 -19.61 28.88 25.24
CA TYR A 27 -19.93 29.62 26.44
C TYR A 27 -18.82 30.63 26.74
N THR A 28 -19.06 31.50 27.73
CA THR A 28 -18.11 32.53 28.11
C THR A 28 -17.11 31.93 29.08
N PHE A 29 -15.86 31.81 28.62
CA PHE A 29 -14.80 31.09 29.32
C PHE A 29 -14.63 31.56 30.76
N THR A 30 -14.65 32.88 30.96
CA THR A 30 -14.28 33.46 32.23
C THR A 30 -15.42 33.39 33.25
N GLU A 31 -16.60 32.86 32.83
CA GLU A 31 -17.77 32.84 33.70
C GLU A 31 -17.95 31.48 34.38
N TYR A 32 -17.15 30.47 34.03
CA TYR A 32 -17.30 29.14 34.60
C TYR A 32 -15.95 28.61 35.08
N ILE A 33 -15.95 27.96 36.26
CA ILE A 33 -14.77 27.29 36.80
C ILE A 33 -14.50 26.02 35.99
N MET A 34 -13.23 25.63 35.92
CA MET A 34 -12.80 24.45 35.19
C MET A 34 -12.10 23.48 36.15
N HIS A 35 -12.47 22.20 36.08
CA HIS A 35 -11.85 21.15 36.88
C HIS A 35 -11.20 20.09 35.98
N TRP A 36 -10.17 19.42 36.50
CA TRP A 36 -9.46 18.36 35.80
C TRP A 36 -9.59 17.04 36.55
N VAL A 37 -9.69 15.94 35.79
CA VAL A 37 -9.93 14.62 36.35
C VAL A 37 -8.99 13.62 35.66
N LYS A 38 -8.52 12.63 36.45
CA LYS A 38 -7.63 11.58 35.95
C LYS A 38 -8.37 10.24 35.96
N GLN A 39 -8.16 9.44 34.91
CA GLN A 39 -8.63 8.07 34.89
C GLN A 39 -7.53 7.17 34.33
N SER A 40 -6.95 6.34 35.20
CA SER A 40 -6.05 5.28 34.78
C SER A 40 -6.83 4.18 34.08
N HIS A 41 -6.14 3.45 33.20
CA HIS A 41 -6.77 2.41 32.39
C HIS A 41 -7.47 1.41 33.31
N GLY A 42 -8.75 1.15 33.03
CA GLY A 42 -9.54 0.18 33.77
C GLY A 42 -9.87 0.61 35.19
N LYS A 43 -9.72 1.91 35.49
CA LYS A 43 -9.82 2.39 36.86
C LYS A 43 -10.88 3.48 36.95
N SER A 44 -11.02 4.04 38.16
CA SER A 44 -12.04 5.03 38.45
C SER A 44 -11.49 6.44 38.21
N LEU A 45 -12.36 7.43 38.44
CA LEU A 45 -12.02 8.83 38.22
C LEU A 45 -11.38 9.38 39.48
N GLU A 46 -10.40 10.28 39.31
CA GLU A 46 -9.78 10.98 40.42
C GLU A 46 -9.77 12.46 40.14
N TRP A 47 -10.21 13.25 41.13
CA TRP A 47 -10.17 14.70 41.05
C TRP A 47 -8.74 15.19 41.23
N ILE A 48 -8.24 15.99 40.28
CA ILE A 48 -6.91 16.58 40.38
C ILE A 48 -7.02 17.93 41.06
N GLY A 49 -7.85 18.82 40.51
CA GLY A 49 -7.99 20.16 41.05
C GLY A 49 -8.87 21.04 40.15
N GLY A 50 -9.05 22.30 40.57
CA GLY A 50 -9.86 23.25 39.82
C GLY A 50 -9.19 24.63 39.76
N ILE A 51 -9.59 25.40 38.74
CA ILE A 51 -9.04 26.74 38.51
C ILE A 51 -10.18 27.70 38.17
N ILE A 52 -10.08 28.91 38.73
CA ILE A 52 -11.00 30.00 38.45
C ILE A 52 -10.40 30.83 37.32
N PRO A 53 -10.91 30.73 36.07
CA PRO A 53 -10.27 31.40 34.92
C PRO A 53 -10.13 32.92 35.02
N ASN A 54 -11.06 33.56 35.75
CA ASN A 54 -11.13 35.02 35.77
C ASN A 54 -9.92 35.61 36.49
N ASN A 55 -9.49 34.99 37.59
CA ASN A 55 -8.36 35.48 38.37
C ASN A 55 -7.17 34.53 38.23
N GLY A 56 -7.43 33.22 38.24
CA GLY A 56 -6.39 32.22 38.13
C GLY A 56 -6.17 31.44 39.44
N GLY A 57 -7.07 31.64 40.42
CA GLY A 57 -7.00 30.93 41.68
C GLY A 57 -7.21 29.42 41.51
N THR A 58 -6.43 28.62 42.26
CA THR A 58 -6.44 27.18 42.11
C THR A 58 -6.62 26.51 43.46
N SER A 59 -7.26 25.32 43.45
CA SER A 59 -7.18 24.39 44.57
C SER A 59 -6.87 23.00 44.04
N TYR A 60 -6.03 22.27 44.76
CA TYR A 60 -5.48 21.00 44.32
C TYR A 60 -5.82 19.91 45.32
N ASN A 61 -6.12 18.71 44.80
CA ASN A 61 -6.04 17.50 45.58
C ASN A 61 -4.59 17.36 46.06
N GLN A 62 -4.40 17.10 47.36
CA GLN A 62 -3.08 16.99 47.95
C GLN A 62 -2.25 15.91 47.26
N LYS A 63 -2.91 14.91 46.68
CA LYS A 63 -2.22 13.81 46.02
C LYS A 63 -1.53 14.27 44.74
N PHE A 64 -1.92 15.44 44.22
CA PHE A 64 -1.40 15.93 42.95
C PHE A 64 -0.64 17.25 43.13
N LYS A 65 -0.32 17.63 44.37
CA LYS A 65 0.25 18.94 44.64
C LYS A 65 1.67 19.04 44.09
N ASP A 66 2.40 17.92 44.06
CA ASP A 66 3.74 17.87 43.50
C ASP A 66 3.72 17.32 42.06
N LYS A 67 2.52 17.28 41.45
CA LYS A 67 2.35 16.62 40.16
C LYS A 67 1.80 17.61 39.13
N ALA A 68 0.75 18.35 39.49
CA ALA A 68 -0.05 19.08 38.51
C ALA A 68 0.04 20.59 38.72
N THR A 69 0.04 21.34 37.62
CA THR A 69 -0.04 22.80 37.65
C THR A 69 -1.05 23.25 36.61
N MET A 70 -2.07 24.00 37.06
CA MET A 70 -3.15 24.41 36.19
C MET A 70 -3.02 25.90 35.87
N THR A 71 -3.21 26.25 34.59
CA THR A 71 -3.19 27.64 34.15
C THR A 71 -4.28 27.84 33.09
N VAL A 72 -4.54 29.11 32.75
CA VAL A 72 -5.47 29.46 31.70
C VAL A 72 -4.85 30.55 30.81
N ASP A 73 -5.33 30.60 29.56
CA ASP A 73 -5.10 31.72 28.66
C ASP A 73 -6.47 32.28 28.27
N LYS A 74 -6.79 33.47 28.79
CA LYS A 74 -8.11 34.06 28.60
C LYS A 74 -8.31 34.51 27.16
N SER A 75 -7.23 34.90 26.47
CA SER A 75 -7.33 35.41 25.11
C SER A 75 -7.78 34.33 24.14
N SER A 76 -7.49 33.05 24.45
CA SER A 76 -7.82 31.95 23.55
C SER A 76 -8.81 30.97 24.19
N SER A 77 -9.40 31.35 25.33
CA SER A 77 -10.40 30.53 26.01
C SER A 77 -9.90 29.12 26.24
N THR A 78 -8.63 28.99 26.66
CA THR A 78 -7.97 27.71 26.77
C THR A 78 -7.46 27.51 28.19
N GLY A 79 -7.77 26.33 28.75
CA GLY A 79 -7.18 25.90 30.01
C GLY A 79 -6.02 24.94 29.76
N TYR A 80 -4.99 25.01 30.61
CA TYR A 80 -3.84 24.13 30.48
C TYR A 80 -3.61 23.39 31.79
N MET A 81 -3.13 22.15 31.70
CA MET A 81 -2.57 21.47 32.86
C MET A 81 -1.22 20.88 32.50
N GLU A 82 -0.25 21.12 33.40
CA GLU A 82 1.11 20.62 33.23
C GLU A 82 1.38 19.56 34.30
N LEU A 83 1.86 18.40 33.87
CA LEU A 83 2.25 17.31 34.75
C LEU A 83 3.77 17.17 34.70
N ARG A 84 4.41 17.18 35.88
CA ARG A 84 5.87 17.15 35.98
C ARG A 84 6.35 15.85 36.61
N SER A 85 7.67 15.59 36.51
CA SER A 85 8.32 14.43 37.10
C SER A 85 7.59 13.14 36.72
N LEU A 86 7.41 12.92 35.41
CA LEU A 86 6.49 11.90 34.95
C LEU A 86 7.03 10.50 35.26
N THR A 87 6.09 9.60 35.60
CA THR A 87 6.36 8.19 35.79
C THR A 87 5.30 7.40 35.03
N SER A 88 5.46 6.07 34.99
CA SER A 88 4.50 5.21 34.31
C SER A 88 3.13 5.28 34.98
N GLU A 89 3.09 5.69 36.26
CA GLU A 89 1.83 5.81 36.99
C GLU A 89 1.06 7.04 36.56
N ASP A 90 1.69 7.94 35.78
CA ASP A 90 1.00 9.10 35.26
C ASP A 90 0.38 8.79 33.90
N SER A 91 0.67 7.61 33.34
CA SER A 91 0.01 7.16 32.12
C SER A 91 -1.48 6.98 32.40
N ALA A 92 -2.31 7.77 31.72
CA ALA A 92 -3.74 7.81 31.98
C ALA A 92 -4.43 8.69 30.95
N VAL A 93 -5.78 8.70 31.01
CA VAL A 93 -6.56 9.71 30.32
C VAL A 93 -6.83 10.85 31.30
N TYR A 94 -6.69 12.09 30.83
CA TYR A 94 -6.96 13.27 31.63
C TYR A 94 -8.10 14.06 30.98
N TYR A 95 -9.11 14.41 31.79
CA TYR A 95 -10.27 15.16 31.34
C TYR A 95 -10.24 16.57 31.92
N CYS A 96 -10.54 17.58 31.09
CA CYS A 96 -10.98 18.88 31.59
C CYS A 96 -12.50 18.88 31.64
N THR A 97 -13.07 19.64 32.59
CA THR A 97 -14.51 19.70 32.76
C THR A 97 -14.91 21.12 33.11
N ARG A 98 -16.17 21.45 32.83
CA ARG A 98 -16.77 22.70 33.27
C ARG A 98 -17.58 22.45 34.53
N ARG A 99 -17.43 23.34 35.51
CA ARG A 99 -18.24 23.31 36.70
C ARG A 99 -19.42 24.26 36.53
N GLU A 100 -20.62 23.79 36.84
CA GLU A 100 -21.80 24.65 36.88
C GLU A 100 -22.17 24.85 38.35
N VAL A 101 -22.80 26.00 38.63
CA VAL A 101 -23.33 26.28 39.96
C VAL A 101 -24.85 26.40 39.81
N TYR A 102 -25.58 25.81 40.75
CA TYR A 102 -27.02 25.78 40.68
C TYR A 102 -27.57 26.70 41.78
N GLY A 103 -27.83 26.15 42.96
CA GLY A 103 -28.43 26.94 44.02
C GLY A 103 -27.45 27.97 44.58
N ARG A 104 -27.35 28.00 45.91
CA ARG A 104 -26.29 28.74 46.59
C ARG A 104 -24.96 28.08 46.26
N ASN A 105 -24.84 26.79 46.58
CA ASN A 105 -23.56 26.10 46.56
C ASN A 105 -23.72 24.65 46.11
N TYR A 106 -24.60 24.41 45.14
CA TYR A 106 -24.69 23.10 44.50
C TYR A 106 -23.82 23.15 43.25
N TYR A 107 -22.91 22.19 43.13
CA TYR A 107 -21.91 22.19 42.08
C TYR A 107 -21.90 20.83 41.39
N ALA A 108 -21.68 20.85 40.08
CA ALA A 108 -21.48 19.63 39.32
C ALA A 108 -20.65 19.92 38.07
N LEU A 109 -20.08 18.85 37.51
CA LEU A 109 -19.27 18.93 36.31
C LEU A 109 -20.16 18.64 35.10
N ASP A 110 -20.76 19.70 34.54
CA ASP A 110 -21.89 19.54 33.64
C ASP A 110 -21.46 19.19 32.21
N TYR A 111 -20.22 19.56 31.83
CA TYR A 111 -19.71 19.24 30.50
C TYR A 111 -18.24 18.83 30.60
N TRP A 112 -17.87 17.82 29.80
CA TRP A 112 -16.59 17.15 29.88
C TRP A 112 -15.88 17.21 28.52
N GLY A 113 -14.56 17.34 28.53
CA GLY A 113 -13.76 17.15 27.33
C GLY A 113 -13.73 15.68 26.93
N GLN A 114 -13.16 15.38 25.75
CA GLN A 114 -13.16 14.02 25.24
C GLN A 114 -12.01 13.21 25.83
N GLY A 115 -11.11 13.89 26.56
CA GLY A 115 -10.01 13.22 27.23
C GLY A 115 -8.73 13.26 26.40
N THR A 116 -7.59 13.32 27.09
CA THR A 116 -6.27 13.26 26.48
C THR A 116 -5.51 12.07 27.06
N LEU A 117 -5.02 11.20 26.18
CA LEU A 117 -4.25 10.03 26.59
C LEU A 117 -2.77 10.40 26.69
N VAL A 118 -2.21 10.31 27.89
CA VAL A 118 -0.79 10.50 28.14
C VAL A 118 -0.15 9.14 28.37
N THR A 119 0.84 8.79 27.54
CA THR A 119 1.65 7.61 27.74
C THR A 119 3.05 8.04 28.16
N VAL A 120 3.49 7.57 29.33
CA VAL A 120 4.84 7.82 29.82
C VAL A 120 5.66 6.58 29.58
N SER A 121 6.67 6.70 28.70
CA SER A 121 7.51 5.58 28.31
C SER A 121 8.81 6.11 27.70
N SER A 122 9.88 5.33 27.85
CA SER A 122 11.17 5.63 27.26
C SER A 122 11.25 5.08 25.83
N ALA A 123 10.28 4.22 25.46
CA ALA A 123 10.30 3.59 24.14
C ALA A 123 9.95 4.62 23.06
N SER A 124 10.42 4.35 21.84
CA SER A 124 10.23 5.25 20.71
C SER A 124 8.87 5.01 20.06
N THR A 125 8.38 6.02 19.34
CA THR A 125 7.21 5.91 18.51
C THR A 125 7.46 4.91 17.40
N LYS A 126 6.43 4.14 17.05
CA LYS A 126 6.50 3.22 15.93
C LYS A 126 5.14 3.14 15.25
N GLY A 127 5.12 3.40 13.94
CA GLY A 127 3.90 3.32 13.15
C GLY A 127 3.50 1.87 12.91
N PRO A 128 2.19 1.59 12.67
CA PRO A 128 1.72 0.23 12.49
C PRO A 128 2.01 -0.33 11.11
N SER A 129 2.09 -1.67 11.02
CA SER A 129 1.99 -2.37 9.75
C SER A 129 0.55 -2.83 9.60
N VAL A 130 -0.01 -2.70 8.39
CA VAL A 130 -1.39 -3.07 8.15
C VAL A 130 -1.44 -4.20 7.14
N PHE A 131 -1.97 -5.36 7.59
CA PHE A 131 -2.05 -6.54 6.76
C PHE A 131 -3.52 -6.89 6.54
N PRO A 132 -3.88 -7.47 5.38
CA PRO A 132 -5.26 -7.89 5.12
C PRO A 132 -5.64 -9.15 5.88
N LEU A 133 -6.91 -9.21 6.29
CA LEU A 133 -7.54 -10.44 6.76
C LEU A 133 -8.54 -10.87 5.69
N ALA A 134 -8.14 -11.85 4.87
CA ALA A 134 -8.80 -12.06 3.57
C ALA A 134 -9.96 -13.04 3.73
N PRO A 135 -11.14 -12.71 3.14
CA PRO A 135 -12.34 -13.54 3.31
C PRO A 135 -12.23 -14.87 2.55
N CYS A 136 -12.27 -15.97 3.30
CA CYS A 136 -12.48 -17.29 2.70
C CYS A 136 -13.90 -17.74 3.05
N SER A 137 -14.71 -17.99 2.02
CA SER A 137 -16.02 -18.59 2.22
C SER A 137 -15.87 -20.10 2.40
N ARG A 138 -15.99 -20.55 3.65
CA ARG A 138 -15.68 -21.92 4.03
C ARG A 138 -16.74 -22.88 3.50
N SER A 139 -18.01 -22.45 3.54
CA SER A 139 -19.14 -23.27 3.10
C SER A 139 -20.00 -22.49 2.13
N THR A 140 -20.89 -23.22 1.43
CA THR A 140 -21.91 -22.63 0.59
C THR A 140 -23.04 -22.08 1.47
N SER A 141 -23.27 -22.74 2.61
CA SER A 141 -24.29 -22.32 3.56
C SER A 141 -23.69 -21.42 4.64
N GLU A 142 -23.10 -20.29 4.21
CA GLU A 142 -22.63 -19.25 5.11
C GLU A 142 -23.58 -18.07 4.98
N SER A 143 -24.13 -17.63 6.12
CA SER A 143 -25.08 -16.51 6.14
C SER A 143 -24.34 -15.19 6.24
N THR A 144 -23.06 -15.22 6.64
CA THR A 144 -22.24 -14.02 6.77
C THR A 144 -20.82 -14.29 6.25
N ALA A 145 -20.27 -13.30 5.53
CA ALA A 145 -18.86 -13.30 5.17
C ALA A 145 -18.12 -12.29 6.04
N ALA A 146 -16.81 -12.48 6.18
CA ALA A 146 -15.99 -11.65 7.06
C ALA A 146 -14.65 -11.35 6.42
N LEU A 147 -14.18 -10.12 6.57
CA LEU A 147 -12.81 -9.73 6.26
C LEU A 147 -12.38 -8.65 7.26
N GLY A 148 -11.11 -8.24 7.20
CA GLY A 148 -10.63 -7.21 8.11
C GLY A 148 -9.22 -6.72 7.79
N CYS A 149 -8.67 -5.93 8.72
CA CYS A 149 -7.28 -5.50 8.71
C CYS A 149 -6.65 -5.81 10.06
N LEU A 150 -5.43 -6.34 10.02
CA LEU A 150 -4.59 -6.51 11.19
C LEU A 150 -3.64 -5.32 11.28
N VAL A 151 -3.71 -4.59 12.40
CA VAL A 151 -2.90 -3.40 12.62
C VAL A 151 -1.88 -3.73 13.70
N LYS A 152 -0.64 -4.02 13.28
CA LYS A 152 0.32 -4.73 14.12
C LYS A 152 1.56 -3.87 14.41
N ASP A 153 2.08 -4.01 15.62
CA ASP A 153 3.41 -3.54 16.02
C ASP A 153 3.50 -2.02 15.99
N TYR A 154 2.61 -1.36 16.75
CA TYR A 154 2.68 0.09 16.87
C TYR A 154 2.85 0.48 18.33
N PHE A 155 3.34 1.71 18.53
CA PHE A 155 3.47 2.31 19.84
C PHE A 155 3.52 3.83 19.69
N PRO A 156 2.87 4.63 20.56
CA PRO A 156 1.94 4.13 21.58
C PRO A 156 0.52 4.05 21.06
N GLU A 157 -0.44 3.80 21.97
CA GLU A 157 -1.85 4.00 21.68
C GLU A 157 -2.09 5.49 21.44
N PRO A 158 -3.16 5.90 20.72
CA PRO A 158 -4.09 4.98 20.06
C PRO A 158 -3.96 4.95 18.54
N VAL A 159 -4.66 4.00 17.91
CA VAL A 159 -4.96 4.06 16.49
C VAL A 159 -6.46 4.19 16.33
N THR A 160 -6.89 4.85 15.25
CA THR A 160 -8.28 4.87 14.83
C THR A 160 -8.39 4.13 13.50
N VAL A 161 -9.47 3.35 13.35
CA VAL A 161 -9.72 2.59 12.14
C VAL A 161 -11.12 2.93 11.66
N SER A 162 -11.22 3.30 10.37
CA SER A 162 -12.50 3.43 9.69
C SER A 162 -12.49 2.56 8.44
N TRP A 163 -13.68 2.37 7.84
CA TRP A 163 -13.82 1.60 6.61
C TRP A 163 -14.47 2.47 5.54
N ASN A 164 -13.89 2.41 4.33
CA ASN A 164 -14.34 3.19 3.19
C ASN A 164 -14.55 4.64 3.60
N SER A 165 -13.51 5.20 4.23
CA SER A 165 -13.45 6.61 4.59
C SER A 165 -14.61 7.02 5.49
N GLY A 166 -15.16 6.05 6.25
CA GLY A 166 -16.22 6.32 7.22
C GLY A 166 -17.62 6.01 6.70
N ALA A 167 -17.74 5.66 5.41
CA ALA A 167 -19.04 5.40 4.81
C ALA A 167 -19.56 4.02 5.20
N LEU A 168 -18.67 3.12 5.64
CA LEU A 168 -19.07 1.79 6.09
C LEU A 168 -18.88 1.69 7.60
N THR A 169 -20.00 1.53 8.33
CA THR A 169 -20.00 1.42 9.78
C THR A 169 -20.75 0.18 10.23
N SER A 170 -21.80 -0.21 9.51
CA SER A 170 -22.58 -1.39 9.83
C SER A 170 -21.71 -2.65 9.74
N GLY A 171 -21.71 -3.45 10.80
CA GLY A 171 -21.03 -4.73 10.81
C GLY A 171 -19.55 -4.62 11.21
N VAL A 172 -19.10 -3.41 11.57
CA VAL A 172 -17.70 -3.18 11.89
C VAL A 172 -17.45 -3.49 13.36
N HIS A 173 -16.39 -4.25 13.63
CA HIS A 173 -15.90 -4.45 15.00
C HIS A 173 -14.40 -4.17 15.02
N THR A 174 -14.01 -3.07 15.67
CA THR A 174 -12.62 -2.75 15.92
C THR A 174 -12.29 -3.15 17.36
N PHE A 175 -11.42 -4.15 17.52
CA PHE A 175 -11.14 -4.73 18.83
C PHE A 175 -10.21 -3.81 19.62
N PRO A 176 -10.26 -3.88 20.98
CA PRO A 176 -9.25 -3.25 21.81
C PRO A 176 -7.86 -3.80 21.51
N ALA A 177 -6.86 -2.91 21.47
CA ALA A 177 -5.48 -3.32 21.29
C ALA A 177 -5.04 -4.22 22.44
N VAL A 178 -4.11 -5.12 22.15
CA VAL A 178 -3.42 -5.90 23.17
C VAL A 178 -1.94 -5.57 23.09
N LEU A 179 -1.30 -5.45 24.26
CA LEU A 179 0.14 -5.26 24.34
C LEU A 179 0.83 -6.63 24.18
N GLN A 180 1.66 -6.75 23.14
CA GLN A 180 2.45 -7.95 22.91
C GLN A 180 3.65 -7.95 23.85
N SER A 181 4.33 -9.10 23.94
CA SER A 181 5.49 -9.24 24.81
C SER A 181 6.66 -8.38 24.32
N SER A 182 6.60 -7.95 23.06
CA SER A 182 7.59 -7.05 22.49
C SER A 182 7.43 -5.62 23.02
N GLY A 183 6.31 -5.32 23.70
CA GLY A 183 6.03 -3.98 24.17
C GLY A 183 5.37 -3.11 23.10
N LEU A 184 4.95 -3.73 22.00
CA LEU A 184 4.22 -3.05 20.93
C LEU A 184 2.78 -3.53 20.93
N TYR A 185 1.87 -2.66 20.43
CA TYR A 185 0.45 -2.95 20.40
C TYR A 185 0.07 -3.59 19.08
N SER A 186 -1.04 -4.34 19.10
CA SER A 186 -1.64 -4.89 17.90
C SER A 186 -3.16 -4.95 18.09
N LEU A 187 -3.92 -4.67 17.01
CA LEU A 187 -5.36 -4.94 17.03
C LEU A 187 -5.83 -5.38 15.64
N SER A 188 -7.04 -5.97 15.62
CA SER A 188 -7.75 -6.26 14.39
C SER A 188 -9.00 -5.41 14.30
N SER A 189 -9.34 -5.01 13.08
CA SER A 189 -10.66 -4.46 12.76
C SER A 189 -11.27 -5.35 11.69
N VAL A 190 -12.51 -5.83 11.93
CA VAL A 190 -13.17 -6.76 11.04
C VAL A 190 -14.50 -6.18 10.59
N VAL A 191 -14.94 -6.61 9.41
CA VAL A 191 -16.27 -6.31 8.89
C VAL A 191 -16.95 -7.65 8.57
N THR A 192 -18.22 -7.77 8.97
CA THR A 192 -19.08 -8.84 8.52
C THR A 192 -20.22 -8.23 7.72
N VAL A 193 -20.65 -8.95 6.69
CA VAL A 193 -21.79 -8.55 5.89
C VAL A 193 -22.70 -9.77 5.73
N PRO A 194 -24.04 -9.59 5.71
CA PRO A 194 -24.93 -10.64 5.24
C PRO A 194 -24.45 -11.17 3.90
N SER A 195 -24.23 -12.49 3.82
CA SER A 195 -23.62 -13.11 2.66
C SER A 195 -24.57 -13.01 1.47
N SER A 196 -24.59 -11.84 0.82
CA SER A 196 -25.12 -11.70 -0.53
C SER A 196 -23.94 -11.49 -1.48
N ASN A 197 -22.91 -12.33 -1.28
CA ASN A 197 -21.56 -12.04 -1.74
C ASN A 197 -21.09 -10.79 -1.00
N PHE A 198 -20.65 -9.77 -1.75
CA PHE A 198 -20.30 -8.48 -1.18
C PHE A 198 -20.97 -7.35 -1.96
N GLY A 199 -21.73 -7.70 -3.01
CA GLY A 199 -22.29 -6.72 -3.92
C GLY A 199 -21.20 -6.11 -4.79
N THR A 200 -21.40 -4.84 -5.18
CA THR A 200 -20.43 -4.09 -5.98
C THR A 200 -19.53 -3.26 -5.05
N GLN A 201 -19.53 -3.61 -3.76
CA GLN A 201 -18.85 -2.85 -2.72
CA GLN A 201 -18.84 -2.83 -2.75
C GLN A 201 -17.45 -3.42 -2.50
N THR A 202 -16.46 -2.53 -2.40
CA THR A 202 -15.10 -2.89 -2.06
C THR A 202 -14.86 -2.49 -0.61
N TYR A 203 -13.74 -2.95 -0.03
CA TYR A 203 -13.51 -2.79 1.40
C TYR A 203 -12.09 -2.29 1.63
N THR A 204 -11.99 -1.03 2.08
CA THR A 204 -10.72 -0.38 2.37
C THR A 204 -10.73 0.10 3.81
N CYS A 205 -9.75 -0.36 4.61
CA CYS A 205 -9.57 0.13 5.96
C CYS A 205 -8.64 1.33 5.95
N ASN A 206 -8.99 2.35 6.73
CA ASN A 206 -8.24 3.58 6.85
C ASN A 206 -7.67 3.64 8.27
N VAL A 207 -6.35 3.50 8.39
CA VAL A 207 -5.70 3.42 9.68
C VAL A 207 -4.92 4.71 9.93
N ASP A 208 -5.16 5.32 11.10
CA ASP A 208 -4.51 6.57 11.47
C ASP A 208 -3.81 6.37 12.82
N HIS A 209 -2.50 6.60 12.83
CA HIS A 209 -1.71 6.59 14.04
C HIS A 209 -1.06 7.96 14.18
N LYS A 210 -1.72 8.84 14.94
CA LYS A 210 -1.32 10.24 15.03
C LYS A 210 0.09 10.37 15.60
N PRO A 211 0.44 9.67 16.71
CA PRO A 211 1.79 9.79 17.28
C PRO A 211 2.94 9.63 16.28
N SER A 212 2.76 8.79 15.25
CA SER A 212 3.79 8.54 14.25
C SER A 212 3.49 9.25 12.94
N ASN A 213 2.38 10.01 12.88
CA ASN A 213 1.90 10.64 11.66
C ASN A 213 1.78 9.63 10.53
N THR A 214 1.16 8.47 10.83
CA THR A 214 0.95 7.43 9.84
C THR A 214 -0.53 7.39 9.45
N LYS A 215 -0.79 7.41 8.13
CA LYS A 215 -2.10 7.17 7.57
C LYS A 215 -1.97 6.13 6.46
N VAL A 216 -2.63 4.97 6.65
CA VAL A 216 -2.53 3.88 5.69
C VAL A 216 -3.94 3.49 5.25
N ASP A 217 -4.15 3.45 3.93
CA ASP A 217 -5.35 2.88 3.35
C ASP A 217 -4.98 1.51 2.76
N LYS A 218 -5.67 0.46 3.21
CA LYS A 218 -5.42 -0.89 2.71
C LYS A 218 -6.73 -1.49 2.21
N THR A 219 -6.79 -1.70 0.88
CA THR A 219 -7.89 -2.41 0.27
C THR A 219 -7.71 -3.90 0.50
N VAL A 220 -8.77 -4.55 1.00
CA VAL A 220 -8.76 -5.98 1.24
C VAL A 220 -9.42 -6.63 0.03
N GLU A 221 -8.64 -7.38 -0.76
CA GLU A 221 -9.13 -7.96 -1.99
C GLU A 221 -10.18 -9.02 -1.65
N ARG A 222 -11.35 -8.95 -2.32
CA ARG A 222 -12.45 -9.86 -2.05
C ARG A 222 -12.20 -11.20 -2.71
N CYS A 223 -11.55 -11.20 -3.89
CA CYS A 223 -11.37 -12.41 -4.68
C CYS A 223 -12.73 -13.05 -4.92
N SER A 224 -13.68 -12.26 -5.42
CA SER A 224 -15.04 -12.72 -5.65
C SER A 224 -15.24 -13.02 -7.13
N CYS A 225 -14.32 -13.82 -7.69
CA CYS A 225 -14.41 -14.31 -9.05
C CYS A 225 -13.90 -15.75 -9.07
N VAL A 226 -14.17 -16.45 -10.17
CA VAL A 226 -13.72 -17.82 -10.33
C VAL A 226 -13.66 -18.14 -11.82
N GLU A 227 -12.71 -19.01 -12.21
CA GLU A 227 -12.53 -19.38 -13.60
C GLU A 227 -13.39 -20.60 -13.93
N CYS A 228 -13.03 -21.75 -13.34
CA CYS A 228 -13.67 -23.02 -13.63
C CYS A 228 -13.60 -23.31 -15.14
N GLU B 1 39.05 -1.28 -18.26
CA GLU B 1 38.08 -1.34 -19.39
C GLU B 1 37.64 0.08 -19.76
N VAL B 2 37.55 0.37 -21.06
CA VAL B 2 37.00 1.63 -21.54
C VAL B 2 35.53 1.70 -21.14
N GLN B 3 35.09 2.87 -20.65
CA GLN B 3 33.72 3.02 -20.18
C GLN B 3 33.25 4.46 -20.34
N LEU B 4 32.01 4.61 -20.84
CA LEU B 4 31.36 5.91 -21.00
C LEU B 4 30.03 5.89 -20.25
N GLN B 5 29.96 6.65 -19.14
CA GLN B 5 28.79 6.67 -18.28
C GLN B 5 28.01 7.96 -18.53
N GLN B 6 26.77 7.82 -19.05
CA GLN B 6 25.95 8.95 -19.40
C GLN B 6 24.99 9.28 -18.26
N SER B 7 24.52 10.53 -18.22
CA SER B 7 23.58 10.98 -17.22
C SER B 7 22.21 10.32 -17.44
N GLY B 8 21.37 10.36 -16.40
CA GLY B 8 20.12 9.63 -16.37
C GLY B 8 19.04 10.27 -17.25
N PRO B 9 17.83 9.64 -17.32
CA PRO B 9 16.76 10.13 -18.18
C PRO B 9 16.22 11.47 -17.68
N ASP B 10 15.70 12.29 -18.60
CA ASP B 10 15.32 13.65 -18.28
C ASP B 10 14.03 14.01 -19.01
N LEU B 11 13.08 14.59 -18.26
CA LEU B 11 11.92 15.26 -18.83
C LEU B 11 12.17 16.76 -18.83
N VAL B 12 11.99 17.40 -19.99
CA VAL B 12 12.23 18.82 -20.14
C VAL B 12 11.16 19.42 -21.05
N LYS B 13 10.93 20.73 -20.88
CA LYS B 13 9.81 21.42 -21.50
C LYS B 13 10.22 21.97 -22.86
N PRO B 14 9.29 22.05 -23.83
CA PRO B 14 9.58 22.65 -25.14
C PRO B 14 10.04 24.10 -24.96
N GLY B 15 11.00 24.52 -25.80
CA GLY B 15 11.58 25.86 -25.75
C GLY B 15 12.75 25.97 -24.77
N ALA B 16 12.89 24.99 -23.87
CA ALA B 16 13.93 25.00 -22.86
C ALA B 16 15.20 24.34 -23.43
N SER B 17 16.21 24.20 -22.57
CA SER B 17 17.44 23.49 -22.91
C SER B 17 17.63 22.30 -21.98
N VAL B 18 18.47 21.36 -22.41
CA VAL B 18 18.89 20.25 -21.57
C VAL B 18 20.37 19.96 -21.84
N LYS B 19 21.07 19.53 -20.78
CA LYS B 19 22.50 19.24 -20.84
C LYS B 19 22.71 17.79 -20.42
N ILE B 20 23.30 16.99 -21.32
CA ILE B 20 23.62 15.59 -21.06
C ILE B 20 25.12 15.51 -20.80
N SER B 21 25.52 14.65 -19.85
CA SER B 21 26.92 14.45 -19.56
C SER B 21 27.35 13.02 -19.91
N CYS B 22 28.66 12.86 -20.15
CA CYS B 22 29.26 11.60 -20.53
C CYS B 22 30.61 11.47 -19.81
N LYS B 23 30.61 10.72 -18.71
CA LYS B 23 31.77 10.56 -17.86
C LYS B 23 32.58 9.35 -18.34
N THR B 24 33.83 9.59 -18.78
CA THR B 24 34.66 8.54 -19.33
C THR B 24 35.58 7.97 -18.25
N SER B 25 36.06 6.75 -18.49
CA SER B 25 37.12 6.16 -17.68
C SER B 25 37.79 5.04 -18.47
N GLY B 26 38.98 4.64 -18.01
CA GLY B 26 39.69 3.49 -18.53
C GLY B 26 40.65 3.83 -19.67
N TYR B 27 40.62 5.10 -20.14
CA TYR B 27 41.54 5.57 -21.16
C TYR B 27 41.87 7.04 -20.92
N THR B 28 42.82 7.57 -21.71
CA THR B 28 43.25 8.95 -21.58
C THR B 28 42.28 9.84 -22.36
N PHE B 29 41.50 10.64 -21.62
CA PHE B 29 40.37 11.40 -22.15
C PHE B 29 40.81 12.29 -23.31
N THR B 30 41.97 12.94 -23.15
CA THR B 30 42.43 13.97 -24.07
C THR B 30 42.98 13.37 -25.38
N GLU B 31 43.10 12.04 -25.46
CA GLU B 31 43.74 11.40 -26.60
C GLU B 31 42.73 10.90 -27.63
N TYR B 32 41.42 10.95 -27.31
CA TYR B 32 40.40 10.43 -28.22
C TYR B 32 39.31 11.47 -28.43
N ILE B 33 38.83 11.59 -29.68
CA ILE B 33 37.74 12.48 -30.01
C ILE B 33 36.44 11.82 -29.52
N MET B 34 35.45 12.64 -29.14
CA MET B 34 34.17 12.14 -28.66
C MET B 34 33.06 12.60 -29.60
N HIS B 35 32.21 11.65 -30.02
CA HIS B 35 31.12 11.91 -30.93
C HIS B 35 29.78 11.58 -30.26
N TRP B 36 28.73 12.29 -30.69
CA TRP B 36 27.38 12.11 -30.18
C TRP B 36 26.44 11.65 -31.29
N VAL B 37 25.50 10.78 -30.93
CA VAL B 37 24.58 10.17 -31.89
C VAL B 37 23.17 10.23 -31.32
N LYS B 38 22.19 10.44 -32.21
CA LYS B 38 20.78 10.49 -31.85
C LYS B 38 20.05 9.29 -32.43
N GLN B 39 19.11 8.74 -31.65
CA GLN B 39 18.21 7.71 -32.15
C GLN B 39 16.81 8.00 -31.63
N SER B 40 15.93 8.41 -32.56
CA SER B 40 14.51 8.54 -32.27
C SER B 40 13.87 7.17 -32.12
N HIS B 41 12.78 7.09 -31.35
CA HIS B 41 12.15 5.82 -31.03
C HIS B 41 11.77 5.11 -32.33
N GLY B 42 12.20 3.84 -32.44
CA GLY B 42 11.89 3.00 -33.58
C GLY B 42 12.61 3.42 -34.87
N LYS B 43 13.65 4.25 -34.75
CA LYS B 43 14.27 4.87 -35.92
C LYS B 43 15.77 4.56 -35.92
N SER B 44 16.47 5.12 -36.91
CA SER B 44 17.88 4.83 -37.14
C SER B 44 18.76 5.82 -36.36
N LEU B 45 20.07 5.66 -36.50
CA LEU B 45 21.05 6.49 -35.82
C LEU B 45 21.35 7.72 -36.68
N GLU B 46 21.56 8.87 -36.01
CA GLU B 46 21.96 10.10 -36.68
C GLU B 46 23.19 10.67 -35.99
N TRP B 47 24.20 11.04 -36.78
CA TRP B 47 25.39 11.70 -36.25
C TRP B 47 25.06 13.16 -35.95
N ILE B 48 25.34 13.60 -34.71
CA ILE B 48 25.13 14.98 -34.31
C ILE B 48 26.41 15.78 -34.58
N GLY B 49 27.52 15.33 -34.00
CA GLY B 49 28.79 16.04 -34.13
C GLY B 49 29.88 15.42 -33.26
N GLY B 50 31.08 16.00 -33.33
CA GLY B 50 32.22 15.54 -32.57
C GLY B 50 33.03 16.70 -31.97
N ILE B 51 33.73 16.42 -30.87
CA ILE B 51 34.54 17.41 -30.18
C ILE B 51 35.91 16.82 -29.86
N ILE B 52 36.95 17.63 -30.07
CA ILE B 52 38.32 17.28 -29.79
C ILE B 52 38.65 17.78 -28.37
N PRO B 53 38.74 16.89 -27.37
CA PRO B 53 38.84 17.33 -25.96
C PRO B 53 40.04 18.20 -25.62
N ASN B 54 41.14 18.02 -26.35
CA ASN B 54 42.41 18.63 -26.00
C ASN B 54 42.35 20.15 -26.23
N ASN B 55 41.71 20.57 -27.33
CA ASN B 55 41.60 21.99 -27.65
C ASN B 55 40.17 22.47 -27.48
N GLY B 56 39.19 21.64 -27.87
CA GLY B 56 37.78 21.98 -27.77
C GLY B 56 37.14 22.26 -29.13
N GLY B 57 37.87 21.97 -30.21
CA GLY B 57 37.37 22.13 -31.56
C GLY B 57 36.20 21.19 -31.84
N THR B 58 35.20 21.70 -32.57
CA THR B 58 33.98 20.97 -32.81
C THR B 58 33.66 20.97 -34.30
N SER B 59 33.02 19.89 -34.76
CA SER B 59 32.35 19.87 -36.05
C SER B 59 30.96 19.29 -35.87
N TYR B 60 29.98 19.90 -36.56
CA TYR B 60 28.58 19.58 -36.37
C TYR B 60 27.97 19.15 -37.70
N ASN B 61 27.07 18.16 -37.64
CA ASN B 61 26.11 17.92 -38.71
C ASN B 61 25.28 19.20 -38.86
N GLN B 62 25.12 19.68 -40.09
CA GLN B 62 24.44 20.94 -40.35
C GLN B 62 23.02 20.93 -39.78
N LYS B 63 22.41 19.74 -39.69
CA LYS B 63 21.05 19.61 -39.21
C LYS B 63 20.95 19.92 -37.71
N PHE B 64 22.10 19.90 -37.00
CA PHE B 64 22.10 20.07 -35.57
C PHE B 64 22.90 21.32 -35.15
N LYS B 65 23.25 22.18 -36.11
CA LYS B 65 24.18 23.27 -35.82
C LYS B 65 23.51 24.33 -34.96
N ASP B 66 22.18 24.48 -35.09
CA ASP B 66 21.41 25.40 -34.28
C ASP B 66 20.72 24.67 -33.13
N LYS B 67 21.12 23.43 -32.86
CA LYS B 67 20.45 22.57 -31.90
C LYS B 67 21.39 22.16 -30.78
N ALA B 68 22.61 21.72 -31.13
CA ALA B 68 23.51 21.09 -30.19
C ALA B 68 24.73 21.98 -29.93
N THR B 69 25.21 21.96 -28.68
CA THR B 69 26.47 22.56 -28.30
C THR B 69 27.26 21.56 -27.46
N MET B 70 28.47 21.24 -27.93
CA MET B 70 29.30 20.25 -27.26
C MET B 70 30.43 20.95 -26.51
N THR B 71 30.67 20.48 -25.27
CA THR B 71 31.76 21.00 -24.44
C THR B 71 32.40 19.82 -23.69
N VAL B 72 33.57 20.08 -23.09
CA VAL B 72 34.26 19.09 -22.28
C VAL B 72 34.77 19.74 -20.99
N ASP B 73 34.93 18.91 -19.96
CA ASP B 73 35.65 19.27 -18.74
C ASP B 73 36.81 18.29 -18.59
N LYS B 74 38.03 18.77 -18.82
CA LYS B 74 39.21 17.91 -18.86
C LYS B 74 39.56 17.41 -17.45
N SER B 75 39.25 18.20 -16.42
CA SER B 75 39.59 17.85 -15.05
C SER B 75 38.83 16.61 -14.58
N SER B 76 37.64 16.37 -15.14
CA SER B 76 36.79 15.27 -14.71
C SER B 76 36.55 14.27 -15.84
N SER B 77 37.29 14.40 -16.95
CA SER B 77 37.20 13.48 -18.08
C SER B 77 35.74 13.32 -18.54
N THR B 78 35.02 14.44 -18.61
CA THR B 78 33.59 14.42 -18.90
C THR B 78 33.31 15.26 -20.14
N GLY B 79 32.53 14.69 -21.07
CA GLY B 79 31.98 15.45 -22.19
C GLY B 79 30.53 15.82 -21.93
N TYR B 80 30.11 16.99 -22.42
CA TYR B 80 28.75 17.47 -22.27
C TYR B 80 28.17 17.79 -23.64
N MET B 81 26.86 17.56 -23.80
CA MET B 81 26.13 18.12 -24.94
C MET B 81 24.87 18.81 -24.42
N GLU B 82 24.66 20.04 -24.93
CA GLU B 82 23.48 20.82 -24.59
C GLU B 82 22.60 20.94 -25.83
N LEU B 83 21.31 20.63 -25.66
CA LEU B 83 20.31 20.78 -26.71
C LEU B 83 19.39 21.95 -26.33
N ARG B 84 19.25 22.91 -27.25
CA ARG B 84 18.50 24.13 -27.00
C ARG B 84 17.26 24.18 -27.88
N SER B 85 16.34 25.11 -27.55
CA SER B 85 15.10 25.33 -28.27
C SER B 85 14.35 24.01 -28.50
N LEU B 86 14.11 23.27 -27.41
CA LEU B 86 13.66 21.89 -27.50
C LEU B 86 12.25 21.81 -28.08
N THR B 87 12.02 20.77 -28.88
CA THR B 87 10.72 20.42 -29.40
C THR B 87 10.50 18.92 -29.17
N SER B 88 9.29 18.44 -29.47
CA SER B 88 8.97 17.03 -29.30
C SER B 88 9.80 16.16 -30.24
N GLU B 89 10.33 16.76 -31.32
CA GLU B 89 11.18 16.07 -32.28
C GLU B 89 12.57 15.79 -31.68
N ASP B 90 12.90 16.44 -30.55
CA ASP B 90 14.17 16.22 -29.89
C ASP B 90 14.05 15.07 -28.88
N SER B 91 12.83 14.58 -28.64
CA SER B 91 12.63 13.40 -27.81
C SER B 91 13.30 12.20 -28.46
N ALA B 92 14.31 11.64 -27.80
CA ALA B 92 15.11 10.56 -28.37
C ALA B 92 16.06 10.00 -27.33
N VAL B 93 16.77 8.93 -27.70
CA VAL B 93 17.94 8.48 -26.94
C VAL B 93 19.17 9.12 -27.58
N TYR B 94 20.08 9.62 -26.74
CA TYR B 94 21.31 10.24 -27.20
C TYR B 94 22.50 9.45 -26.66
N TYR B 95 23.43 9.09 -27.54
CA TYR B 95 24.63 8.33 -27.19
C TYR B 95 25.86 9.21 -27.33
N CYS B 96 26.78 9.13 -26.35
CA CYS B 96 28.16 9.56 -26.54
C CYS B 96 28.98 8.35 -26.98
N THR B 97 30.03 8.60 -27.78
CA THR B 97 30.90 7.55 -28.28
C THR B 97 32.33 8.06 -28.31
N ARG B 98 33.28 7.12 -28.44
CA ARG B 98 34.69 7.44 -28.59
C ARG B 98 35.13 7.07 -30.00
N ARG B 99 35.89 7.97 -30.64
CA ARG B 99 36.42 7.72 -31.98
C ARG B 99 37.88 7.25 -31.85
N ALA B 108 36.58 4.59 -36.51
CA ALA B 108 35.28 3.99 -36.11
C ALA B 108 34.92 4.43 -34.68
N LEU B 109 33.66 4.25 -34.33
CA LEU B 109 33.16 4.53 -32.98
C LEU B 109 33.23 3.24 -32.16
N ASP B 110 34.37 3.04 -31.49
CA ASP B 110 34.72 1.72 -30.98
C ASP B 110 34.06 1.44 -29.63
N TYR B 111 33.69 2.49 -28.88
CA TYR B 111 33.01 2.30 -27.61
C TYR B 111 31.90 3.33 -27.44
N TRP B 112 30.77 2.88 -26.88
CA TRP B 112 29.53 3.64 -26.82
C TRP B 112 29.04 3.74 -25.37
N GLY B 113 28.46 4.89 -25.02
CA GLY B 113 27.74 5.01 -23.77
C GLY B 113 26.43 4.23 -23.81
N GLN B 114 25.73 4.16 -22.66
CA GLN B 114 24.55 3.33 -22.55
C GLN B 114 23.32 4.09 -23.04
N GLY B 115 23.47 5.39 -23.31
CA GLY B 115 22.38 6.19 -23.86
C GLY B 115 21.62 6.96 -22.78
N THR B 116 21.14 8.16 -23.13
CA THR B 116 20.31 8.98 -22.27
C THR B 116 18.98 9.26 -22.95
N LEU B 117 17.86 8.96 -22.27
CA LEU B 117 16.53 9.18 -22.81
C LEU B 117 16.05 10.58 -22.45
N VAL B 118 15.81 11.41 -23.48
CA VAL B 118 15.24 12.73 -23.31
C VAL B 118 13.78 12.70 -23.77
N THR B 119 12.87 13.09 -22.87
CA THR B 119 11.48 13.32 -23.23
C THR B 119 11.20 14.83 -23.19
N VAL B 120 10.77 15.39 -24.33
CA VAL B 120 10.37 16.79 -24.39
C VAL B 120 8.84 16.84 -24.37
N SER B 121 8.30 17.43 -23.30
CA SER B 121 6.87 17.53 -23.12
C SER B 121 6.57 18.62 -22.09
N SER B 122 5.43 19.28 -22.26
CA SER B 122 4.99 20.29 -21.31
C SER B 122 4.17 19.65 -20.19
N ALA B 123 3.80 18.37 -20.36
CA ALA B 123 3.02 17.66 -19.36
C ALA B 123 3.87 17.40 -18.12
N SER B 124 3.17 17.28 -16.97
CA SER B 124 3.80 17.14 -15.67
C SER B 124 4.15 15.68 -15.41
N THR B 125 5.11 15.48 -14.50
CA THR B 125 5.47 14.18 -13.98
C THR B 125 4.27 13.59 -13.24
N LYS B 126 4.11 12.27 -13.34
CA LYS B 126 3.08 11.55 -12.59
C LYS B 126 3.61 10.16 -12.23
N GLY B 127 3.57 9.84 -10.93
CA GLY B 127 4.00 8.54 -10.44
C GLY B 127 2.98 7.45 -10.77
N PRO B 128 3.41 6.16 -10.85
CA PRO B 128 2.50 5.08 -11.21
C PRO B 128 1.63 4.61 -10.06
N SER B 129 0.48 4.01 -10.40
CA SER B 129 -0.28 3.18 -9.48
C SER B 129 0.10 1.73 -9.73
N VAL B 130 0.27 0.94 -8.66
CA VAL B 130 0.67 -0.45 -8.82
C VAL B 130 -0.43 -1.34 -8.25
N PHE B 131 -1.01 -2.17 -9.14
CA PHE B 131 -2.09 -3.06 -8.76
C PHE B 131 -1.62 -4.50 -8.93
N PRO B 132 -2.11 -5.45 -8.11
CA PRO B 132 -1.77 -6.86 -8.26
C PRO B 132 -2.48 -7.53 -9.43
N LEU B 133 -1.77 -8.46 -10.08
CA LEU B 133 -2.38 -9.38 -11.04
C LEU B 133 -2.40 -10.76 -10.39
N ALA B 134 -3.57 -11.15 -9.88
CA ALA B 134 -3.77 -12.43 -9.24
C ALA B 134 -4.91 -13.16 -9.93
N PRO B 135 -4.76 -14.48 -10.22
CA PRO B 135 -5.82 -15.25 -10.88
C PRO B 135 -7.01 -15.45 -9.94
N CYS B 136 -8.13 -15.94 -10.49
CA CYS B 136 -9.35 -16.12 -9.71
C CYS B 136 -9.35 -17.47 -9.00
N SER B 137 -9.11 -18.54 -9.78
CA SER B 137 -9.10 -19.89 -9.24
C SER B 137 -7.76 -20.18 -8.56
N ARG B 138 -7.73 -21.28 -7.79
CA ARG B 138 -6.56 -21.70 -7.05
C ARG B 138 -5.51 -22.26 -8.01
N GLU B 142 -1.54 -27.71 -14.34
CA GLU B 142 -0.38 -27.19 -15.12
C GLU B 142 0.85 -27.12 -14.22
N SER B 143 2.03 -27.00 -14.85
CA SER B 143 3.30 -27.01 -14.14
C SER B 143 3.68 -25.60 -13.67
N THR B 144 3.02 -24.57 -14.20
CA THR B 144 3.30 -23.19 -13.83
C THR B 144 2.02 -22.40 -13.63
N ALA B 145 2.01 -21.59 -12.56
CA ALA B 145 1.00 -20.55 -12.36
C ALA B 145 1.61 -19.20 -12.72
N ALA B 146 0.76 -18.17 -12.84
CA ALA B 146 1.20 -16.85 -13.23
C ALA B 146 0.59 -15.78 -12.32
N LEU B 147 1.41 -14.78 -11.98
CA LEU B 147 0.96 -13.59 -11.30
C LEU B 147 1.81 -12.41 -11.78
N GLY B 148 1.45 -11.19 -11.36
CA GLY B 148 2.17 -10.02 -11.80
C GLY B 148 1.77 -8.74 -11.07
N CYS B 149 2.29 -7.62 -11.58
CA CYS B 149 1.90 -6.28 -11.18
C CYS B 149 1.57 -5.46 -12.42
N LEU B 150 0.48 -4.68 -12.34
CA LEU B 150 0.11 -3.70 -13.34
C LEU B 150 0.60 -2.34 -12.86
N VAL B 151 1.46 -1.70 -13.67
CA VAL B 151 2.05 -0.42 -13.35
C VAL B 151 1.44 0.61 -14.28
N LYS B 152 0.47 1.37 -13.76
CA LYS B 152 -0.47 2.10 -14.60
CA LYS B 152 -0.47 2.10 -14.60
C LYS B 152 -0.37 3.60 -14.36
N ASP B 153 -0.55 4.38 -15.43
CA ASP B 153 -0.80 5.81 -15.40
C ASP B 153 0.40 6.58 -14.86
N TYR B 154 1.57 6.42 -15.50
CA TYR B 154 2.74 7.21 -15.14
C TYR B 154 3.24 8.00 -16.35
N PHE B 155 4.03 9.04 -16.05
CA PHE B 155 4.71 9.84 -17.06
C PHE B 155 5.89 10.55 -16.40
N PRO B 156 7.07 10.67 -17.06
CA PRO B 156 7.37 10.00 -18.32
C PRO B 156 7.98 8.62 -18.09
N GLU B 157 8.46 8.01 -19.18
CA GLU B 157 9.34 6.85 -19.09
C GLU B 157 10.64 7.28 -18.41
N PRO B 158 11.42 6.36 -17.80
CA PRO B 158 11.05 4.95 -17.65
C PRO B 158 10.66 4.56 -16.23
N VAL B 159 10.15 3.32 -16.09
CA VAL B 159 10.06 2.65 -14.81
C VAL B 159 10.94 1.41 -14.87
N THR B 160 11.47 1.00 -13.71
CA THR B 160 12.11 -0.29 -13.56
C THR B 160 11.28 -1.15 -12.61
N VAL B 161 11.21 -2.45 -12.92
CA VAL B 161 10.48 -3.41 -12.10
C VAL B 161 11.42 -4.56 -11.79
N SER B 162 11.53 -4.90 -10.50
CA SER B 162 12.19 -6.12 -10.05
C SER B 162 11.24 -6.92 -9.18
N TRP B 163 11.60 -8.18 -8.90
CA TRP B 163 10.81 -9.04 -8.05
C TRP B 163 11.65 -9.55 -6.88
N ASN B 164 11.06 -9.49 -5.68
CA ASN B 164 11.72 -9.89 -4.44
C ASN B 164 13.10 -9.26 -4.37
N SER B 165 13.14 -7.93 -4.58
CA SER B 165 14.33 -7.12 -4.45
C SER B 165 15.46 -7.60 -5.35
N GLY B 166 15.09 -8.23 -6.48
CA GLY B 166 16.06 -8.66 -7.48
C GLY B 166 16.45 -10.14 -7.37
N ALA B 167 15.97 -10.82 -6.33
CA ALA B 167 16.34 -12.22 -6.09
C ALA B 167 15.55 -13.15 -7.01
N LEU B 168 14.44 -12.68 -7.57
CA LEU B 168 13.64 -13.47 -8.50
C LEU B 168 13.74 -12.85 -9.89
N THR B 169 14.34 -13.60 -10.82
CA THR B 169 14.52 -13.18 -12.21
C THR B 169 13.99 -14.24 -13.18
N SER B 170 14.08 -15.51 -12.80
CA SER B 170 13.58 -16.62 -13.61
C SER B 170 12.08 -16.49 -13.83
N GLY B 171 11.67 -16.53 -15.10
CA GLY B 171 10.27 -16.55 -15.48
C GLY B 171 9.63 -15.16 -15.56
N VAL B 172 10.44 -14.11 -15.39
CA VAL B 172 9.94 -12.75 -15.33
C VAL B 172 9.84 -12.20 -16.76
N HIS B 173 8.69 -11.58 -17.06
CA HIS B 173 8.53 -10.79 -18.26
C HIS B 173 7.97 -9.42 -17.88
N THR B 174 8.79 -8.38 -18.04
CA THR B 174 8.35 -7.00 -17.91
C THR B 174 8.12 -6.45 -19.31
N PHE B 175 6.86 -6.15 -19.64
CA PHE B 175 6.49 -5.77 -20.99
C PHE B 175 6.91 -4.34 -21.28
N PRO B 176 7.19 -3.99 -22.55
CA PRO B 176 7.37 -2.59 -22.95
C PRO B 176 6.13 -1.78 -22.65
N ALA B 177 6.33 -0.57 -22.10
CA ALA B 177 5.23 0.33 -21.80
C ALA B 177 4.50 0.69 -23.10
N VAL B 178 3.19 0.93 -22.98
CA VAL B 178 2.42 1.48 -24.08
C VAL B 178 1.81 2.80 -23.60
N LEU B 179 1.76 3.77 -24.50
CA LEU B 179 1.13 5.06 -24.23
C LEU B 179 -0.38 4.90 -24.42
N GLN B 180 -1.14 5.15 -23.35
CA GLN B 180 -2.59 5.08 -23.39
C GLN B 180 -3.13 6.36 -24.03
N SER B 181 -4.43 6.36 -24.34
CA SER B 181 -5.09 7.50 -24.94
C SER B 181 -5.16 8.68 -23.95
N SER B 182 -4.96 8.40 -22.67
CA SER B 182 -4.87 9.43 -21.64
C SER B 182 -3.55 10.20 -21.71
N GLY B 183 -2.57 9.70 -22.49
CA GLY B 183 -1.26 10.31 -22.58
C GLY B 183 -0.33 9.88 -21.46
N LEU B 184 -0.76 8.87 -20.69
CA LEU B 184 0.05 8.28 -19.63
C LEU B 184 0.46 6.87 -20.04
N TYR B 185 1.57 6.39 -19.48
CA TYR B 185 2.10 5.07 -19.80
C TYR B 185 1.55 4.02 -18.85
N SER B 186 1.53 2.78 -19.32
CA SER B 186 1.17 1.63 -18.51
C SER B 186 1.95 0.41 -18.99
N LEU B 187 2.36 -0.45 -18.04
CA LEU B 187 2.91 -1.76 -18.39
C LEU B 187 2.51 -2.78 -17.34
N SER B 188 2.64 -4.06 -17.71
CA SER B 188 2.54 -5.18 -16.78
C SER B 188 3.90 -5.86 -16.65
N SER B 189 4.19 -6.34 -15.44
CA SER B 189 5.30 -7.26 -15.19
C SER B 189 4.71 -8.55 -14.60
N VAL B 190 5.03 -9.69 -15.24
CA VAL B 190 4.44 -10.96 -14.84
C VAL B 190 5.56 -11.95 -14.50
N VAL B 191 5.22 -12.91 -13.64
CA VAL B 191 6.11 -14.01 -13.30
C VAL B 191 5.33 -15.30 -13.52
N THR B 192 5.99 -16.32 -14.08
CA THR B 192 5.48 -17.69 -14.03
C THR B 192 6.42 -18.51 -13.16
N VAL B 193 5.84 -19.31 -12.27
CA VAL B 193 6.57 -19.96 -11.20
C VAL B 193 6.03 -21.39 -11.05
N PRO B 194 6.81 -22.34 -10.47
CA PRO B 194 6.33 -23.70 -10.25
C PRO B 194 4.95 -23.71 -9.60
N SER B 195 3.99 -24.42 -10.23
CA SER B 195 2.60 -24.40 -9.82
C SER B 195 2.43 -24.78 -8.34
N SER B 196 3.30 -25.68 -7.87
CA SER B 196 3.33 -26.06 -6.46
C SER B 196 4.61 -25.53 -5.83
N PHE B 198 6.11 -22.46 -4.36
CA PHE B 198 4.94 -21.56 -4.46
C PHE B 198 4.23 -21.47 -3.11
N GLY B 199 4.23 -22.59 -2.37
CA GLY B 199 3.65 -22.66 -1.05
C GLY B 199 4.44 -21.82 -0.03
N THR B 200 5.78 -21.89 -0.14
CA THR B 200 6.66 -21.23 0.81
C THR B 200 7.12 -19.87 0.26
N GLN B 201 6.80 -19.59 -1.01
CA GLN B 201 7.35 -18.43 -1.71
C GLN B 201 6.36 -17.27 -1.66
N THR B 202 6.87 -16.07 -1.36
CA THR B 202 6.09 -14.84 -1.52
C THR B 202 6.58 -14.11 -2.77
N TYR B 203 5.74 -13.23 -3.29
CA TYR B 203 6.00 -12.56 -4.56
C TYR B 203 5.70 -11.06 -4.42
N THR B 204 6.76 -10.26 -4.42
CA THR B 204 6.67 -8.82 -4.24
C THR B 204 7.36 -8.13 -5.40
N CYS B 205 6.62 -7.26 -6.12
CA CYS B 205 7.20 -6.46 -7.18
C CYS B 205 7.67 -5.13 -6.60
N ASN B 206 8.85 -4.69 -7.04
CA ASN B 206 9.47 -3.46 -6.61
C ASN B 206 9.50 -2.51 -7.80
N VAL B 207 8.71 -1.43 -7.73
CA VAL B 207 8.57 -0.50 -8.83
C VAL B 207 9.25 0.80 -8.48
N ASP B 208 10.12 1.28 -9.38
CA ASP B 208 10.83 2.53 -9.21
C ASP B 208 10.56 3.45 -10.40
N HIS B 209 10.02 4.64 -10.12
CA HIS B 209 9.84 5.68 -11.11
C HIS B 209 10.64 6.90 -10.65
N LYS B 210 11.87 7.01 -11.16
CA LYS B 210 12.82 8.01 -10.67
C LYS B 210 12.28 9.42 -10.93
N PRO B 211 11.75 9.75 -12.13
CA PRO B 211 11.24 11.10 -12.39
C PRO B 211 10.30 11.65 -11.32
N SER B 212 9.49 10.78 -10.70
CA SER B 212 8.53 11.20 -9.69
C SER B 212 9.01 10.86 -8.27
N ASN B 213 10.21 10.27 -8.15
CA ASN B 213 10.73 9.77 -6.88
C ASN B 213 9.72 8.82 -6.22
N THR B 214 9.18 7.88 -6.99
CA THR B 214 8.23 6.91 -6.48
C THR B 214 8.90 5.54 -6.39
N LYS B 215 8.79 4.91 -5.22
CA LYS B 215 9.20 3.53 -4.99
C LYS B 215 8.04 2.79 -4.32
N VAL B 216 7.52 1.76 -4.99
CA VAL B 216 6.38 1.02 -4.48
C VAL B 216 6.73 -0.46 -4.44
N ASP B 217 6.52 -1.08 -3.28
CA ASP B 217 6.58 -2.53 -3.13
C ASP B 217 5.15 -3.05 -3.02
N LYS B 218 4.77 -3.99 -3.89
CA LYS B 218 3.44 -4.59 -3.83
C LYS B 218 3.58 -6.11 -3.75
N THR B 219 3.19 -6.67 -2.61
CA THR B 219 3.09 -8.11 -2.46
C THR B 219 1.80 -8.58 -3.12
N VAL B 220 1.89 -9.62 -3.95
CA VAL B 220 0.74 -10.15 -4.66
C VAL B 220 0.17 -11.32 -3.87
N GLU B 221 -1.04 -11.13 -3.34
CA GLU B 221 -1.72 -12.13 -2.51
C GLU B 221 -2.53 -13.06 -3.41
N ARG B 222 -2.51 -14.35 -3.08
CA ARG B 222 -3.26 -15.36 -3.80
C ARG B 222 -4.74 -15.33 -3.42
N CYS B 223 -5.61 -15.60 -4.41
CA CYS B 223 -7.03 -15.84 -4.19
C CYS B 223 -7.30 -17.34 -4.04
N SER B 224 -6.98 -17.88 -2.87
CA SER B 224 -6.99 -19.32 -2.65
C SER B 224 -8.23 -19.78 -1.89
N CYS B 225 -9.41 -19.60 -2.51
CA CYS B 225 -10.63 -20.25 -2.04
C CYS B 225 -11.49 -20.62 -3.25
N ASP C 1 -9.89 11.96 53.43
CA ASP C 1 -10.81 12.08 52.27
C ASP C 1 -12.04 11.21 52.52
N ILE C 2 -13.16 11.56 51.88
CA ILE C 2 -14.38 10.79 51.98
C ILE C 2 -14.32 9.66 50.97
N GLN C 3 -14.43 8.42 51.46
CA GLN C 3 -14.44 7.24 50.62
C GLN C 3 -15.86 7.01 50.07
N MET C 4 -15.97 6.95 48.74
CA MET C 4 -17.21 6.64 48.07
C MET C 4 -17.14 5.22 47.53
N THR C 5 -18.16 4.40 47.86
CA THR C 5 -18.18 3.00 47.48
C THR C 5 -19.42 2.71 46.64
N GLN C 6 -19.23 1.97 45.56
CA GLN C 6 -20.33 1.35 44.83
C GLN C 6 -20.16 -0.16 44.97
N THR C 7 -20.88 -0.74 45.95
CA THR C 7 -20.67 -2.10 46.41
C THR C 7 -20.80 -3.10 45.25
N THR C 8 -21.68 -2.80 44.29
CA THR C 8 -21.83 -3.60 43.09
C THR C 8 -21.03 -2.96 41.95
N SER C 9 -20.02 -3.68 41.47
CA SER C 9 -19.14 -3.18 40.41
C SER C 9 -19.70 -3.54 39.03
N SER C 10 -20.41 -4.67 38.96
CA SER C 10 -20.89 -5.20 37.70
C SER C 10 -22.36 -5.62 37.85
N LEU C 11 -23.16 -5.34 36.82
CA LEU C 11 -24.60 -5.52 36.87
C LEU C 11 -25.14 -5.81 35.47
N SER C 12 -26.00 -6.83 35.35
CA SER C 12 -26.69 -7.10 34.10
C SER C 12 -28.19 -7.23 34.34
N ALA C 13 -28.98 -6.70 33.40
CA ALA C 13 -30.44 -6.71 33.49
C ALA C 13 -31.05 -6.74 32.10
N SER C 14 -32.30 -7.21 32.00
CA SER C 14 -33.00 -7.35 30.74
C SER C 14 -33.51 -5.99 30.25
N LEU C 15 -33.76 -5.89 28.94
CA LEU C 15 -34.38 -4.71 28.36
C LEU C 15 -35.75 -4.52 28.98
N GLY C 16 -36.03 -3.31 29.49
CA GLY C 16 -37.32 -2.98 30.07
C GLY C 16 -37.34 -3.11 31.59
N ASP C 17 -36.34 -3.80 32.16
CA ASP C 17 -36.23 -3.98 33.61
C ASP C 17 -35.92 -2.64 34.29
N ARG C 18 -36.18 -2.61 35.60
CA ARG C 18 -35.86 -1.48 36.45
C ARG C 18 -34.54 -1.78 37.16
N VAL C 19 -33.57 -0.87 37.03
CA VAL C 19 -32.23 -1.07 37.56
C VAL C 19 -31.93 0.01 38.60
N THR C 20 -31.30 -0.39 39.70
CA THR C 20 -30.88 0.56 40.72
C THR C 20 -29.41 0.34 41.05
N ILE C 21 -28.63 1.44 40.99
CA ILE C 21 -27.20 1.42 41.27
C ILE C 21 -26.96 2.15 42.59
N THR C 22 -26.18 1.52 43.49
CA THR C 22 -26.00 2.03 44.84
C THR C 22 -24.68 2.78 44.96
N CYS C 23 -24.67 3.77 45.88
CA CYS C 23 -23.50 4.54 46.21
C CYS C 23 -23.55 4.87 47.71
N SER C 24 -22.46 4.55 48.42
CA SER C 24 -22.37 4.83 49.85
C SER C 24 -21.12 5.65 50.15
N ALA C 25 -21.23 6.53 51.15
CA ALA C 25 -20.12 7.38 51.57
C ALA C 25 -19.69 6.96 52.98
N SER C 26 -18.42 7.21 53.30
CA SER C 26 -17.83 6.81 54.56
C SER C 26 -18.32 7.71 55.69
N GLN C 27 -18.90 8.87 55.33
CA GLN C 27 -19.57 9.74 56.28
C GLN C 27 -20.71 10.46 55.55
N GLY C 28 -21.55 11.17 56.31
CA GLY C 28 -22.69 11.87 55.75
C GLY C 28 -22.26 13.01 54.82
N ILE C 29 -22.87 13.06 53.63
CA ILE C 29 -22.49 14.04 52.63
C ILE C 29 -23.64 15.00 52.34
N ASN C 30 -24.77 14.85 53.05
CA ASN C 30 -25.80 15.87 53.11
C ASN C 30 -26.32 16.19 51.69
N ASN C 31 -26.52 15.13 50.89
CA ASN C 31 -27.14 15.22 49.57
C ASN C 31 -26.24 15.87 48.52
N TYR C 32 -25.00 16.22 48.88
CA TYR C 32 -24.07 16.80 47.92
C TYR C 32 -23.45 15.68 47.09
N LEU C 33 -24.23 15.13 46.16
CA LEU C 33 -23.84 13.97 45.38
C LEU C 33 -24.31 14.12 43.94
N ASN C 34 -23.42 13.79 43.00
CA ASN C 34 -23.74 13.81 41.58
C ASN C 34 -23.50 12.43 40.98
N TRP C 35 -24.15 12.17 39.85
CA TRP C 35 -24.01 10.93 39.10
C TRP C 35 -23.53 11.23 37.68
N TYR C 36 -22.58 10.42 37.19
CA TYR C 36 -22.06 10.57 35.84
C TYR C 36 -22.21 9.25 35.08
N GLN C 37 -22.39 9.35 33.76
CA GLN C 37 -22.43 8.21 32.87
C GLN C 37 -21.20 8.26 31.97
N GLN C 38 -20.46 7.14 31.89
CA GLN C 38 -19.35 7.01 30.97
C GLN C 38 -19.66 5.87 30.00
N LYS C 39 -19.70 6.22 28.70
CA LYS C 39 -19.94 5.24 27.65
C LYS C 39 -18.67 4.44 27.40
N PRO C 40 -18.77 3.25 26.74
CA PRO C 40 -17.58 2.47 26.38
C PRO C 40 -16.53 3.24 25.59
N ASP C 41 -16.96 4.28 24.85
CA ASP C 41 -16.04 5.05 24.04
C ASP C 41 -15.24 6.01 24.93
N GLY C 42 -15.66 6.20 26.17
CA GLY C 42 -14.89 7.00 27.12
C GLY C 42 -15.48 8.39 27.36
N THR C 43 -16.54 8.74 26.62
CA THR C 43 -17.19 10.03 26.78
C THR C 43 -18.00 10.06 28.08
N VAL C 44 -17.93 11.19 28.79
CA VAL C 44 -18.54 11.32 30.10
C VAL C 44 -19.61 12.40 30.02
N LYS C 45 -20.74 12.15 30.69
CA LYS C 45 -21.83 13.10 30.79
C LYS C 45 -22.40 13.08 32.21
N LEU C 46 -22.85 14.25 32.67
CA LEU C 46 -23.59 14.39 33.90
C LEU C 46 -25.00 13.81 33.71
N LEU C 47 -25.47 13.03 34.68
CA LEU C 47 -26.84 12.52 34.72
C LEU C 47 -27.67 13.30 35.72
N ILE C 48 -27.23 13.27 36.99
CA ILE C 48 -27.99 13.76 38.13
C ILE C 48 -27.09 14.68 38.94
N TYR C 49 -27.65 15.79 39.44
CA TYR C 49 -26.94 16.62 40.40
C TYR C 49 -27.79 16.84 41.66
N TYR C 50 -27.09 17.00 42.78
CA TYR C 50 -27.70 17.17 44.10
C TYR C 50 -28.75 16.08 44.32
N THR C 51 -28.30 14.82 44.22
CA THR C 51 -29.06 13.63 44.58
C THR C 51 -30.15 13.29 43.56
N SER C 52 -30.96 14.26 43.10
CA SER C 52 -32.19 13.91 42.40
C SER C 52 -32.48 14.77 41.16
N SER C 53 -31.73 15.85 40.92
CA SER C 53 -32.03 16.76 39.81
C SER C 53 -31.42 16.24 38.51
N LEU C 54 -32.21 16.28 37.42
CA LEU C 54 -31.76 15.77 36.13
C LEU C 54 -31.02 16.86 35.34
N HIS C 55 -29.95 16.44 34.67
CA HIS C 55 -29.20 17.31 33.76
C HIS C 55 -29.93 17.38 32.42
N SER C 56 -29.64 18.44 31.65
CA SER C 56 -30.23 18.67 30.34
C SER C 56 -30.09 17.43 29.46
N GLY C 57 -31.21 17.03 28.85
CA GLY C 57 -31.21 16.00 27.82
C GLY C 57 -31.32 14.58 28.40
N VAL C 58 -31.27 14.46 29.74
CA VAL C 58 -31.36 13.17 30.39
C VAL C 58 -32.84 12.76 30.42
N PRO C 59 -33.21 11.59 29.85
CA PRO C 59 -34.61 11.15 29.85
C PRO C 59 -35.12 10.85 31.26
N SER C 60 -36.44 10.97 31.42
CA SER C 60 -37.09 10.95 32.72
C SER C 60 -37.10 9.56 33.34
N ARG C 61 -36.68 8.53 32.58
CA ARG C 61 -36.56 7.19 33.12
C ARG C 61 -35.37 7.10 34.08
N PHE C 62 -34.48 8.10 34.06
CA PHE C 62 -33.44 8.23 35.07
C PHE C 62 -33.97 9.03 36.26
N SER C 63 -33.68 8.54 37.47
CA SER C 63 -34.01 9.24 38.69
C SER C 63 -32.98 8.91 39.77
N GLY C 64 -32.89 9.78 40.78
CA GLY C 64 -31.94 9.59 41.86
C GLY C 64 -32.55 9.96 43.20
N SER C 65 -32.17 9.22 44.25
CA SER C 65 -32.65 9.48 45.60
C SER C 65 -31.58 9.12 46.61
N GLY C 66 -31.79 9.57 47.85
CA GLY C 66 -30.95 9.20 48.98
C GLY C 66 -30.80 10.33 49.99
N SER C 67 -30.07 10.03 51.07
CA SER C 67 -29.73 11.00 52.09
C SER C 67 -28.62 10.42 52.96
N GLY C 68 -27.99 11.28 53.78
CA GLY C 68 -26.94 10.84 54.69
C GLY C 68 -25.77 10.21 53.96
N THR C 69 -25.59 8.89 54.16
CA THR C 69 -24.47 8.15 53.62
C THR C 69 -24.84 7.33 52.39
N ASP C 70 -26.15 7.19 52.07
CA ASP C 70 -26.59 6.20 51.10
C ASP C 70 -27.48 6.80 50.02
N TYR C 71 -27.15 6.49 48.76
CA TYR C 71 -27.78 7.10 47.60
C TYR C 71 -28.03 6.04 46.53
N SER C 72 -29.00 6.31 45.64
CA SER C 72 -29.42 5.38 44.62
C SER C 72 -29.67 6.11 43.30
N LEU C 73 -29.22 5.49 42.20
CA LEU C 73 -29.57 5.90 40.86
C LEU C 73 -30.43 4.80 40.25
N THR C 74 -31.60 5.19 39.72
CA THR C 74 -32.56 4.23 39.19
C THR C 74 -32.80 4.53 37.72
N ILE C 75 -32.78 3.46 36.91
CA ILE C 75 -33.22 3.51 35.52
C ILE C 75 -34.51 2.70 35.42
N SER C 76 -35.63 3.37 35.10
CA SER C 76 -36.95 2.80 35.32
C SER C 76 -37.23 1.67 34.32
N ASN C 77 -36.87 1.87 33.05
CA ASN C 77 -36.99 0.82 32.05
C ASN C 77 -35.79 0.88 31.13
N LEU C 78 -35.04 -0.22 31.09
CA LEU C 78 -33.69 -0.24 30.55
C LEU C 78 -33.73 -0.31 29.03
N GLU C 79 -33.11 0.69 28.39
CA GLU C 79 -32.93 0.72 26.95
C GLU C 79 -31.54 0.18 26.62
N PRO C 80 -31.28 -0.25 25.37
CA PRO C 80 -29.97 -0.79 24.99
C PRO C 80 -28.82 0.22 25.09
N GLU C 81 -29.12 1.51 24.92
CA GLU C 81 -28.11 2.56 24.90
C GLU C 81 -27.73 2.99 26.32
N ASP C 82 -28.28 2.32 27.33
CA ASP C 82 -27.94 2.62 28.72
C ASP C 82 -26.68 1.83 29.13
N ILE C 83 -26.16 1.00 28.23
CA ILE C 83 -24.90 0.32 28.45
C ILE C 83 -23.83 1.38 28.70
N ALA C 84 -23.21 1.32 29.89
CA ALA C 84 -22.27 2.34 30.33
C ALA C 84 -21.74 1.98 31.72
N THR C 85 -20.78 2.79 32.20
CA THR C 85 -20.34 2.74 33.58
C THR C 85 -20.85 4.00 34.29
N TYR C 86 -21.40 3.81 35.51
CA TYR C 86 -22.02 4.90 36.25
C TYR C 86 -21.19 5.19 37.49
N TYR C 87 -20.89 6.48 37.72
CA TYR C 87 -20.03 6.93 38.81
C TYR C 87 -20.76 7.95 39.66
N CYS C 88 -20.68 7.79 40.98
CA CYS C 88 -21.11 8.82 41.90
C CYS C 88 -19.91 9.66 42.35
N GLN C 89 -20.21 10.88 42.80
CA GLN C 89 -19.21 11.86 43.18
C GLN C 89 -19.77 12.76 44.27
N GLN C 90 -19.04 12.87 45.39
CA GLN C 90 -19.44 13.75 46.47
C GLN C 90 -18.67 15.07 46.35
N TYR C 91 -19.31 16.16 46.81
CA TYR C 91 -18.66 17.46 46.92
C TYR C 91 -19.00 18.10 48.26
N SER C 92 -19.21 17.25 49.28
CA SER C 92 -19.38 17.71 50.65
C SER C 92 -18.07 18.33 51.16
N ASN C 93 -16.95 17.63 50.95
CA ASN C 93 -15.63 18.11 51.33
C ASN C 93 -14.66 17.96 50.16
N LEU C 94 -13.65 18.85 50.13
CA LEU C 94 -12.49 18.65 49.26
C LEU C 94 -11.58 17.60 49.91
N PRO C 95 -10.90 16.73 49.13
CA PRO C 95 -11.06 16.68 47.67
C PRO C 95 -12.37 16.02 47.23
N TYR C 96 -12.88 16.41 46.07
CA TYR C 96 -13.94 15.64 45.43
C TYR C 96 -13.46 14.21 45.28
N THR C 97 -14.33 13.24 45.58
CA THR C 97 -14.00 11.84 45.42
C THR C 97 -15.12 11.13 44.67
N PHE C 98 -14.74 10.11 43.90
CA PHE C 98 -15.68 9.35 43.08
C PHE C 98 -15.78 7.91 43.60
N GLY C 99 -16.95 7.29 43.39
CA GLY C 99 -17.11 5.86 43.59
C GLY C 99 -16.31 5.08 42.54
N GLY C 100 -16.12 3.78 42.79
CA GLY C 100 -15.36 2.92 41.89
C GLY C 100 -16.09 2.59 40.60
N GLY C 101 -17.40 2.89 40.54
CA GLY C 101 -18.15 2.77 39.30
C GLY C 101 -18.93 1.45 39.24
N THR C 102 -20.04 1.47 38.50
CA THR C 102 -20.84 0.28 38.26
C THR C 102 -21.08 0.15 36.76
N LYS C 103 -20.61 -0.98 36.20
CA LYS C 103 -20.76 -1.26 34.80
C LYS C 103 -22.08 -1.99 34.57
N LEU C 104 -22.85 -1.49 33.59
CA LEU C 104 -24.16 -2.02 33.27
C LEU C 104 -24.14 -2.65 31.89
N GLU C 105 -24.53 -3.93 31.82
CA GLU C 105 -24.67 -4.64 30.55
C GLU C 105 -26.07 -5.25 30.48
N ILE C 106 -26.44 -5.72 29.28
CA ILE C 106 -27.79 -6.19 29.00
C ILE C 106 -27.82 -7.72 28.99
N LYS C 107 -28.89 -8.28 29.56
CA LYS C 107 -29.24 -9.68 29.38
C LYS C 107 -30.11 -9.81 28.13
N ARG C 108 -29.65 -10.65 27.19
CA ARG C 108 -30.42 -11.02 26.00
C ARG C 108 -30.48 -12.54 25.95
N THR C 109 -31.11 -13.08 24.88
CA THR C 109 -31.12 -14.52 24.67
C THR C 109 -29.72 -14.97 24.25
N VAL C 110 -29.43 -16.25 24.46
CA VAL C 110 -28.17 -16.85 24.06
C VAL C 110 -28.04 -16.77 22.54
N ALA C 111 -26.83 -16.42 22.07
CA ALA C 111 -26.55 -16.32 20.65
C ALA C 111 -25.19 -16.96 20.37
N ALA C 112 -25.17 -17.92 19.44
CA ALA C 112 -23.95 -18.62 19.08
C ALA C 112 -23.04 -17.69 18.26
N PRO C 113 -21.71 -17.77 18.43
CA PRO C 113 -20.79 -17.02 17.57
C PRO C 113 -20.72 -17.61 16.17
N SER C 114 -20.63 -16.72 15.17
CA SER C 114 -20.11 -17.06 13.86
C SER C 114 -18.59 -17.09 13.96
N VAL C 115 -17.96 -18.16 13.48
CA VAL C 115 -16.51 -18.32 13.62
C VAL C 115 -15.86 -18.24 12.24
N PHE C 116 -14.73 -17.51 12.19
CA PHE C 116 -13.95 -17.38 10.98
C PHE C 116 -12.47 -17.50 11.33
N ILE C 117 -11.71 -18.15 10.44
CA ILE C 117 -10.26 -18.22 10.61
C ILE C 117 -9.60 -17.53 9.41
N PHE C 118 -8.49 -16.84 9.70
CA PHE C 118 -7.75 -16.09 8.71
C PHE C 118 -6.29 -16.51 8.74
N PRO C 119 -5.73 -17.02 7.63
CA PRO C 119 -4.29 -17.31 7.58
C PRO C 119 -3.50 -16.00 7.52
N PRO C 120 -2.17 -16.03 7.75
CA PRO C 120 -1.35 -14.83 7.60
C PRO C 120 -1.25 -14.43 6.14
N SER C 121 -1.16 -13.13 5.89
CA SER C 121 -0.87 -12.60 4.56
C SER C 121 0.57 -12.91 4.19
N ASP C 122 0.83 -13.02 2.88
CA ASP C 122 2.19 -13.15 2.38
C ASP C 122 2.99 -11.89 2.69
N GLU C 123 2.30 -10.75 2.68
CA GLU C 123 2.91 -9.46 2.98
C GLU C 123 3.55 -9.48 4.36
N GLN C 124 2.84 -10.02 5.36
CA GLN C 124 3.40 -10.17 6.69
C GLN C 124 4.47 -11.26 6.70
N LEU C 125 4.16 -12.38 6.04
CA LEU C 125 4.93 -13.61 6.18
C LEU C 125 6.37 -13.41 5.71
N LYS C 126 6.56 -12.57 4.69
CA LYS C 126 7.89 -12.36 4.12
C LYS C 126 8.80 -11.65 5.11
N SER C 127 8.22 -11.02 6.14
CA SER C 127 9.01 -10.28 7.11
C SER C 127 9.39 -11.14 8.31
N GLY C 128 8.92 -12.40 8.34
CA GLY C 128 9.46 -13.39 9.25
C GLY C 128 8.51 -13.80 10.37
N THR C 129 7.29 -13.23 10.38
CA THR C 129 6.30 -13.55 11.40
C THR C 129 4.97 -13.92 10.73
N ALA C 130 4.22 -14.80 11.40
CA ALA C 130 2.90 -15.21 10.96
C ALA C 130 1.89 -14.99 12.07
N SER C 131 0.87 -14.17 11.79
CA SER C 131 -0.28 -14.01 12.68
C SER C 131 -1.48 -14.74 12.09
N VAL C 132 -2.04 -15.65 12.88
CA VAL C 132 -3.25 -16.38 12.50
C VAL C 132 -4.38 -15.86 13.39
N VAL C 133 -5.51 -15.49 12.78
CA VAL C 133 -6.58 -14.82 13.52
C VAL C 133 -7.85 -15.66 13.46
N CYS C 134 -8.43 -15.89 14.64
CA CYS C 134 -9.73 -16.53 14.79
C CYS C 134 -10.73 -15.48 15.30
N LEU C 135 -11.86 -15.35 14.60
CA LEU C 135 -12.87 -14.35 14.94
C LEU C 135 -14.15 -15.05 15.37
N LEU C 136 -14.67 -14.63 16.53
CA LEU C 136 -15.99 -15.03 17.02
C LEU C 136 -16.91 -13.81 16.97
N ASN C 137 -17.96 -13.87 16.16
CA ASN C 137 -18.73 -12.68 15.84
C ASN C 137 -20.12 -12.76 16.49
N ASN C 138 -20.45 -11.71 17.26
CA ASN C 138 -21.81 -11.41 17.67
C ASN C 138 -22.42 -12.59 18.45
N PHE C 139 -21.95 -12.78 19.69
CA PHE C 139 -22.41 -13.86 20.53
C PHE C 139 -22.79 -13.35 21.92
N TYR C 140 -23.51 -14.19 22.67
CA TYR C 140 -23.87 -13.90 24.05
C TYR C 140 -24.17 -15.20 24.79
N PRO C 141 -23.73 -15.39 26.06
CA PRO C 141 -22.98 -14.40 26.83
C PRO C 141 -21.50 -14.32 26.47
N ARG C 142 -20.75 -13.47 27.21
CA ARG C 142 -19.37 -13.14 26.92
C ARG C 142 -18.47 -14.38 27.02
N GLU C 143 -18.78 -15.28 27.97
CA GLU C 143 -17.91 -16.40 28.25
CA GLU C 143 -17.91 -16.42 28.25
C GLU C 143 -17.75 -17.24 26.97
N ALA C 144 -16.49 -17.49 26.59
CA ALA C 144 -16.18 -18.26 25.38
C ALA C 144 -14.76 -18.81 25.49
N LYS C 145 -14.55 -19.99 24.89
CA LYS C 145 -13.25 -20.66 24.94
C LYS C 145 -12.75 -20.86 23.51
N VAL C 146 -11.52 -20.40 23.26
CA VAL C 146 -10.85 -20.60 21.99
C VAL C 146 -9.60 -21.45 22.26
N GLN C 147 -9.46 -22.56 21.54
CA GLN C 147 -8.25 -23.36 21.59
C GLN C 147 -7.65 -23.47 20.19
N TRP C 148 -6.34 -23.22 20.09
CA TRP C 148 -5.61 -23.37 18.86
C TRP C 148 -5.03 -24.77 18.76
N LYS C 149 -5.11 -25.36 17.56
CA LYS C 149 -4.48 -26.63 17.27
C LYS C 149 -3.62 -26.48 16.01
N VAL C 150 -2.42 -27.06 16.05
CA VAL C 150 -1.50 -27.05 14.91
C VAL C 150 -1.05 -28.49 14.67
N ASP C 151 -1.54 -29.08 13.57
CA ASP C 151 -1.46 -30.51 13.33
C ASP C 151 -2.02 -31.26 14.54
N ASN C 152 -3.17 -30.76 15.03
CA ASN C 152 -3.94 -31.41 16.08
CA ASN C 152 -3.94 -31.40 16.09
C ASN C 152 -3.18 -31.37 17.41
N ALA C 153 -2.18 -30.49 17.52
CA ALA C 153 -1.44 -30.30 18.76
C ALA C 153 -1.91 -29.00 19.42
N LEU C 154 -2.43 -29.10 20.64
CA LEU C 154 -2.96 -27.96 21.36
C LEU C 154 -1.84 -26.97 21.67
N GLN C 155 -2.04 -25.71 21.27
CA GLN C 155 -1.07 -24.65 21.48
C GLN C 155 -1.27 -24.00 22.83
N SER C 156 -0.19 -23.46 23.40
CA SER C 156 -0.25 -22.83 24.71
C SER C 156 0.77 -21.70 24.79
N GLY C 157 0.30 -20.54 25.26
CA GLY C 157 1.18 -19.42 25.61
C GLY C 157 1.61 -18.59 24.42
N ASN C 158 1.00 -18.82 23.24
CA ASN C 158 1.41 -18.13 22.03
C ASN C 158 0.20 -17.50 21.35
N SER C 159 -0.84 -17.18 22.12
CA SER C 159 -1.99 -16.47 21.62
C SER C 159 -2.42 -15.37 22.59
N GLN C 160 -3.19 -14.39 22.06
CA GLN C 160 -3.76 -13.32 22.85
C GLN C 160 -5.18 -13.05 22.35
N GLU C 161 -6.09 -12.76 23.29
CA GLU C 161 -7.48 -12.49 22.98
C GLU C 161 -7.81 -11.03 23.23
N SER C 162 -8.82 -10.55 22.48
CA SER C 162 -9.41 -9.24 22.71
C SER C 162 -10.91 -9.37 22.53
N VAL C 163 -11.69 -8.67 23.37
CA VAL C 163 -13.14 -8.76 23.35
C VAL C 163 -13.71 -7.36 23.25
N THR C 164 -14.69 -7.16 22.36
CA THR C 164 -15.36 -5.89 22.22
C THR C 164 -16.25 -5.64 23.44
N GLU C 165 -16.58 -4.37 23.67
CA GLU C 165 -17.63 -4.00 24.60
C GLU C 165 -18.96 -4.45 24.00
N GLN C 166 -19.98 -4.59 24.85
CA GLN C 166 -21.27 -5.06 24.39
C GLN C 166 -21.83 -4.07 23.36
N ASP C 167 -22.31 -4.60 22.23
CA ASP C 167 -22.85 -3.79 21.16
C ASP C 167 -24.09 -3.07 21.67
N SER C 168 -24.28 -1.83 21.23
CA SER C 168 -25.32 -0.96 21.75
C SER C 168 -26.67 -1.29 21.13
N LYS C 169 -26.69 -2.08 20.05
CA LYS C 169 -27.92 -2.42 19.34
C LYS C 169 -28.36 -3.84 19.72
N ASP C 170 -27.57 -4.84 19.32
CA ASP C 170 -27.98 -6.24 19.43
C ASP C 170 -27.47 -6.85 20.74
N SER C 171 -26.69 -6.09 21.52
CA SER C 171 -26.28 -6.48 22.86
C SER C 171 -25.37 -7.72 22.85
N THR C 172 -24.61 -7.91 21.77
CA THR C 172 -23.71 -9.05 21.65
C THR C 172 -22.27 -8.62 21.88
N TYR C 173 -21.38 -9.61 22.01
CA TYR C 173 -19.95 -9.41 22.06
C TYR C 173 -19.31 -10.04 20.84
N SER C 174 -18.10 -9.59 20.51
CA SER C 174 -17.24 -10.27 19.55
C SER C 174 -15.86 -10.44 20.17
N LEU C 175 -15.12 -11.45 19.69
CA LEU C 175 -13.84 -11.80 20.24
C LEU C 175 -12.88 -12.15 19.11
N SER C 176 -11.63 -11.65 19.21
CA SER C 176 -10.55 -12.05 18.32
C SER C 176 -9.48 -12.77 19.14
N SER C 177 -8.91 -13.82 18.54
CA SER C 177 -7.78 -14.53 19.11
C SER C 177 -6.68 -14.59 18.06
N THR C 178 -5.47 -14.15 18.43
CA THR C 178 -4.34 -14.11 17.51
C THR C 178 -3.25 -15.08 17.98
N LEU C 179 -2.95 -16.07 17.13
CA LEU C 179 -1.84 -16.98 17.32
C LEU C 179 -0.63 -16.44 16.55
N THR C 180 0.52 -16.30 17.23
CA THR C 180 1.71 -15.71 16.63
C THR C 180 2.82 -16.76 16.59
N LEU C 181 3.42 -16.91 15.41
CA LEU C 181 4.50 -17.86 15.17
C LEU C 181 5.57 -17.22 14.30
N SER C 182 6.80 -17.72 14.41
CA SER C 182 7.85 -17.40 13.44
C SER C 182 7.46 -17.97 12.09
N LYS C 183 8.01 -17.38 11.02
CA LYS C 183 7.84 -17.90 9.67
C LYS C 183 8.26 -19.37 9.62
N ALA C 184 9.42 -19.67 10.22
CA ALA C 184 9.97 -21.02 10.22
C ALA C 184 9.02 -22.02 10.88
N ASP C 185 8.56 -21.70 12.10
CA ASP C 185 7.65 -22.56 12.83
C ASP C 185 6.36 -22.77 12.04
N TYR C 186 5.83 -21.66 11.49
CA TYR C 186 4.63 -21.70 10.69
C TYR C 186 4.77 -22.69 9.54
N GLU C 187 5.97 -22.73 8.94
CA GLU C 187 6.21 -23.50 7.72
C GLU C 187 6.58 -24.94 8.03
N LYS C 188 6.69 -25.31 9.32
CA LYS C 188 6.84 -26.70 9.71
C LYS C 188 5.53 -27.45 9.52
N HIS C 189 4.41 -26.80 9.86
CA HIS C 189 3.15 -27.47 10.08
C HIS C 189 2.20 -27.22 8.92
N LYS C 190 1.07 -27.94 8.89
CA LYS C 190 0.16 -27.93 7.76
C LYS C 190 -1.22 -27.39 8.16
N VAL C 191 -1.84 -28.01 9.17
CA VAL C 191 -3.23 -27.77 9.49
C VAL C 191 -3.31 -26.78 10.66
N TYR C 192 -4.03 -25.67 10.47
CA TYR C 192 -4.22 -24.66 11.50
C TYR C 192 -5.71 -24.55 11.81
N ALA C 193 -6.06 -24.74 13.09
CA ALA C 193 -7.45 -24.81 13.50
C ALA C 193 -7.66 -24.05 14.82
N CYS C 194 -8.75 -23.27 14.89
CA CYS C 194 -9.22 -22.76 16.16
C CYS C 194 -10.54 -23.45 16.48
N GLU C 195 -10.63 -23.97 17.72
CA GLU C 195 -11.81 -24.67 18.20
C GLU C 195 -12.52 -23.77 19.21
N VAL C 196 -13.84 -23.63 19.05
CA VAL C 196 -14.63 -22.67 19.81
C VAL C 196 -15.67 -23.42 20.64
N THR C 197 -15.68 -23.16 21.95
CA THR C 197 -16.71 -23.63 22.85
C THR C 197 -17.52 -22.44 23.33
N HIS C 198 -18.86 -22.56 23.27
CA HIS C 198 -19.76 -21.53 23.73
C HIS C 198 -21.13 -22.15 24.00
N GLN C 199 -21.90 -21.50 24.87
CA GLN C 199 -23.15 -22.05 25.37
C GLN C 199 -24.17 -22.22 24.25
N GLY C 200 -24.16 -21.28 23.28
CA GLY C 200 -25.08 -21.31 22.17
C GLY C 200 -24.75 -22.36 21.12
N LEU C 201 -23.57 -22.99 21.24
CA LEU C 201 -23.17 -24.08 20.36
C LEU C 201 -23.48 -25.42 21.03
N SER C 202 -24.15 -26.31 20.29
CA SER C 202 -24.50 -27.63 20.78
C SER C 202 -23.24 -28.43 21.09
N SER C 203 -22.21 -28.28 20.24
CA SER C 203 -20.90 -28.84 20.49
C SER C 203 -19.83 -27.93 19.88
N PRO C 204 -18.54 -28.08 20.24
CA PRO C 204 -17.49 -27.18 19.74
C PRO C 204 -17.39 -27.10 18.22
N VAL C 205 -17.23 -25.87 17.71
CA VAL C 205 -17.05 -25.61 16.30
C VAL C 205 -15.57 -25.42 16.02
N THR C 206 -15.07 -26.11 14.99
CA THR C 206 -13.69 -25.95 14.54
C THR C 206 -13.69 -25.33 13.14
N LYS C 207 -12.90 -24.26 12.98
CA LYS C 207 -12.57 -23.74 11.66
C LYS C 207 -11.08 -23.97 11.43
N SER C 208 -10.72 -24.36 10.21
CA SER C 208 -9.34 -24.69 9.91
C SER C 208 -9.00 -24.42 8.45
N PHE C 209 -7.70 -24.35 8.17
CA PHE C 209 -7.17 -24.32 6.83
C PHE C 209 -5.88 -25.14 6.81
N ASN C 210 -5.48 -25.58 5.61
CA ASN C 210 -4.17 -26.22 5.45
C ASN C 210 -3.26 -25.26 4.71
N ARG C 211 -2.04 -25.10 5.22
CA ARG C 211 -1.07 -24.15 4.67
C ARG C 211 -0.53 -24.69 3.35
N GLY C 212 -0.28 -23.78 2.41
CA GLY C 212 0.20 -24.16 1.09
C GLY C 212 -0.93 -24.14 0.05
N GLU C 213 -1.91 -25.03 0.23
CA GLU C 213 -3.06 -25.09 -0.65
C GLU C 213 -3.94 -23.85 -0.42
N ASP D 1 24.43 14.99 -48.22
CA ASP D 1 24.86 13.86 -47.36
C ASP D 1 24.82 12.57 -48.17
N ILE D 2 25.62 11.59 -47.77
CA ILE D 2 25.63 10.28 -48.40
C ILE D 2 24.53 9.43 -47.79
N GLN D 3 23.60 8.97 -48.64
CA GLN D 3 22.51 8.11 -48.21
C GLN D 3 22.99 6.66 -48.13
N MET D 4 22.83 6.06 -46.94
CA MET D 4 23.13 4.65 -46.71
C MET D 4 21.82 3.89 -46.62
N THR D 5 21.70 2.81 -47.40
CA THR D 5 20.48 2.01 -47.48
C THR D 5 20.77 0.57 -47.09
N GLN D 6 19.89 0.01 -46.24
CA GLN D 6 19.86 -1.42 -45.99
CA GLN D 6 19.86 -1.42 -45.99
C GLN D 6 18.51 -1.94 -46.48
N THR D 7 18.51 -2.45 -47.72
CA THR D 7 17.29 -2.78 -48.46
C THR D 7 16.39 -3.71 -47.67
N THR D 8 16.96 -4.65 -46.89
CA THR D 8 16.19 -5.54 -46.04
C THR D 8 16.17 -4.97 -44.62
N SER D 9 14.99 -4.62 -44.12
CA SER D 9 14.84 -4.04 -42.80
C SER D 9 14.63 -5.14 -41.75
N SER D 10 14.02 -6.26 -42.16
CA SER D 10 13.64 -7.32 -41.24
C SER D 10 14.04 -8.68 -41.83
N LEU D 11 14.55 -9.57 -40.96
CA LEU D 11 15.18 -10.81 -41.40
C LEU D 11 15.06 -11.86 -40.30
N SER D 12 14.64 -13.08 -40.67
CA SER D 12 14.63 -14.19 -39.73
C SER D 12 15.34 -15.40 -40.35
N ALA D 13 16.09 -16.13 -39.53
CA ALA D 13 16.87 -17.28 -39.97
C ALA D 13 17.01 -18.28 -38.83
N SER D 14 17.25 -19.55 -39.19
CA SER D 14 17.36 -20.63 -38.21
C SER D 14 18.73 -20.59 -37.54
N LEU D 15 18.82 -21.23 -36.36
CA LEU D 15 20.08 -21.39 -35.67
C LEU D 15 21.02 -22.22 -36.54
N GLY D 16 22.23 -21.70 -36.78
CA GLY D 16 23.24 -22.40 -37.56
C GLY D 16 23.30 -21.93 -39.01
N ASP D 17 22.26 -21.22 -39.47
CA ASP D 17 22.20 -20.72 -40.84
C ASP D 17 23.24 -19.62 -41.04
N ARG D 18 23.53 -19.37 -42.31
CA ARG D 18 24.44 -18.31 -42.75
C ARG D 18 23.59 -17.12 -43.17
N VAL D 19 23.87 -15.94 -42.58
CA VAL D 19 23.07 -14.75 -42.80
C VAL D 19 23.96 -13.67 -43.42
N THR D 20 23.41 -12.95 -44.41
CA THR D 20 24.12 -11.85 -45.05
C THR D 20 23.23 -10.60 -45.05
N ILE D 21 23.78 -9.48 -44.54
CA ILE D 21 23.06 -8.22 -44.44
C ILE D 21 23.70 -7.23 -45.40
N THR D 22 22.86 -6.53 -46.18
CA THR D 22 23.29 -5.65 -47.27
C THR D 22 23.36 -4.20 -46.81
N CYS D 23 24.30 -3.45 -47.37
CA CYS D 23 24.41 -2.02 -47.16
C CYS D 23 24.91 -1.37 -48.45
N SER D 24 24.14 -0.39 -48.96
CA SER D 24 24.49 0.32 -50.18
C SER D 24 24.56 1.82 -49.92
N ALA D 25 25.50 2.48 -50.62
CA ALA D 25 25.70 3.92 -50.49
C ALA D 25 25.31 4.60 -51.79
N SER D 26 24.88 5.86 -51.69
CA SER D 26 24.39 6.62 -52.83
C SER D 26 25.56 7.06 -53.72
N GLN D 27 26.79 6.98 -53.19
CA GLN D 27 28.00 7.18 -53.97
C GLN D 27 29.11 6.33 -53.36
N GLY D 28 30.25 6.26 -54.06
CA GLY D 28 31.38 5.45 -53.62
C GLY D 28 31.97 5.97 -52.31
N ILE D 29 32.20 5.07 -51.36
CA ILE D 29 32.69 5.46 -50.05
C ILE D 29 34.06 4.84 -49.78
N ASN D 30 34.61 4.12 -50.77
CA ASN D 30 36.02 3.77 -50.77
C ASN D 30 36.38 2.98 -49.51
N ASN D 31 35.50 2.03 -49.15
CA ASN D 31 35.73 1.08 -48.08
C ASN D 31 35.69 1.71 -46.67
N TYR D 32 35.37 3.01 -46.58
CA TYR D 32 35.26 3.66 -45.29
C TYR D 32 33.88 3.36 -44.71
N LEU D 33 33.72 2.13 -44.21
CA LEU D 33 32.43 1.65 -43.73
C LEU D 33 32.61 0.81 -42.48
N ASN D 34 31.75 1.04 -41.47
CA ASN D 34 31.77 0.29 -40.24
C ASN D 34 30.41 -0.38 -40.04
N TRP D 35 30.40 -1.44 -39.22
CA TRP D 35 29.18 -2.16 -38.86
C TRP D 35 29.02 -2.15 -37.34
N TYR D 36 27.78 -1.91 -36.88
CA TYR D 36 27.47 -1.89 -35.47
C TYR D 36 26.35 -2.88 -35.18
N GLN D 37 26.38 -3.42 -33.96
CA GLN D 37 25.32 -4.27 -33.43
C GLN D 37 24.62 -3.53 -32.29
N GLN D 38 23.29 -3.45 -32.37
CA GLN D 38 22.50 -2.90 -31.29
C GLN D 38 21.56 -4.00 -30.76
N LYS D 39 21.69 -4.31 -29.47
CA LYS D 39 20.84 -5.30 -28.83
C LYS D 39 19.46 -4.70 -28.56
N PRO D 40 18.42 -5.53 -28.29
CA PRO D 40 17.14 -5.03 -27.80
C PRO D 40 17.26 -4.17 -26.53
N ASP D 41 18.36 -4.37 -25.79
CA ASP D 41 18.69 -3.60 -24.59
CA ASP D 41 18.73 -3.61 -24.60
C ASP D 41 18.92 -2.13 -24.95
N GLY D 42 19.36 -1.88 -26.18
CA GLY D 42 19.71 -0.54 -26.64
C GLY D 42 21.22 -0.30 -26.64
N THR D 43 21.99 -1.25 -26.10
CA THR D 43 23.43 -1.16 -26.03
C THR D 43 24.02 -1.38 -27.42
N VAL D 44 25.03 -0.58 -27.77
CA VAL D 44 25.63 -0.59 -29.09
C VAL D 44 27.08 -1.01 -28.98
N LYS D 45 27.53 -1.85 -29.93
CA LYS D 45 28.91 -2.28 -30.02
C LYS D 45 29.37 -2.28 -31.47
N LEU D 46 30.65 -1.95 -31.67
CA LEU D 46 31.30 -2.06 -32.96
C LEU D 46 31.55 -3.54 -33.27
N LEU D 47 31.25 -3.94 -34.52
CA LEU D 47 31.54 -5.27 -35.02
C LEU D 47 32.74 -5.22 -35.95
N ILE D 48 32.61 -4.43 -37.02
CA ILE D 48 33.55 -4.43 -38.13
C ILE D 48 33.95 -2.97 -38.40
N TYR D 49 35.24 -2.74 -38.68
CA TYR D 49 35.68 -1.43 -39.16
C TYR D 49 36.46 -1.58 -40.47
N TYR D 50 36.37 -0.53 -41.30
CA TYR D 50 37.00 -0.50 -42.61
C TYR D 50 36.64 -1.76 -43.39
N THR D 51 35.33 -2.01 -43.53
CA THR D 51 34.75 -3.03 -44.40
C THR D 51 34.90 -4.44 -43.82
N SER D 52 36.09 -4.83 -43.35
CA SER D 52 36.35 -6.24 -43.10
C SER D 52 37.10 -6.53 -41.79
N SER D 53 37.60 -5.50 -41.09
CA SER D 53 38.41 -5.72 -39.89
C SER D 53 37.52 -5.92 -38.67
N LEU D 54 37.85 -6.93 -37.84
CA LEU D 54 37.04 -7.27 -36.68
C LEU D 54 37.49 -6.46 -35.47
N HIS D 55 36.50 -6.01 -34.68
CA HIS D 55 36.74 -5.32 -33.42
C HIS D 55 37.04 -6.35 -32.34
N SER D 56 37.70 -5.89 -31.25
CA SER D 56 38.04 -6.74 -30.13
C SER D 56 36.81 -7.50 -29.61
N GLY D 57 36.99 -8.81 -29.41
CA GLY D 57 35.98 -9.64 -28.76
C GLY D 57 34.93 -10.20 -29.73
N VAL D 58 34.97 -9.75 -30.99
CA VAL D 58 34.00 -10.17 -31.98
C VAL D 58 34.41 -11.56 -32.49
N PRO D 59 33.53 -12.58 -32.40
CA PRO D 59 33.86 -13.93 -32.88
C PRO D 59 34.02 -13.96 -34.40
N SER D 60 34.81 -14.92 -34.88
CA SER D 60 35.26 -14.97 -36.27
C SER D 60 34.13 -15.38 -37.21
N ARG D 61 32.97 -15.77 -36.66
CA ARG D 61 31.81 -16.08 -37.49
C ARG D 61 31.22 -14.82 -38.11
N PHE D 62 31.61 -13.64 -37.57
CA PHE D 62 31.28 -12.37 -38.19
C PHE D 62 32.37 -12.00 -39.19
N SER D 63 31.95 -11.56 -40.39
CA SER D 63 32.87 -11.10 -41.42
C SER D 63 32.18 -10.05 -42.28
N GLY D 64 32.99 -9.21 -42.94
CA GLY D 64 32.46 -8.15 -43.78
C GLY D 64 33.28 -8.01 -45.07
N SER D 65 32.60 -7.65 -46.16
CA SER D 65 33.25 -7.46 -47.45
C SER D 65 32.51 -6.38 -48.23
N GLY D 66 33.16 -5.92 -49.32
CA GLY D 66 32.57 -4.96 -50.24
C GLY D 66 33.58 -3.97 -50.80
N SER D 67 33.10 -3.12 -51.72
CA SER D 67 33.86 -2.01 -52.27
C SER D 67 32.91 -1.06 -52.98
N GLY D 68 33.40 0.14 -53.31
CA GLY D 68 32.61 1.13 -54.02
C GLY D 68 31.35 1.52 -53.24
N THR D 69 30.19 1.13 -53.76
CA THR D 69 28.90 1.52 -53.20
C THR D 69 28.24 0.37 -52.43
N ASP D 70 28.77 -0.85 -52.51
CA ASP D 70 28.03 -2.01 -52.00
C ASP D 70 28.88 -2.85 -51.05
N TYR D 71 28.27 -3.18 -49.90
CA TYR D 71 28.97 -3.84 -48.80
C TYR D 71 28.06 -4.90 -48.18
N SER D 72 28.68 -5.89 -47.52
CA SER D 72 27.97 -7.03 -46.95
C SER D 72 28.55 -7.39 -45.58
N LEU D 73 27.65 -7.70 -44.64
CA LEU D 73 28.01 -8.30 -43.37
C LEU D 73 27.47 -9.73 -43.35
N THR D 74 28.34 -10.68 -43.02
CA THR D 74 27.97 -12.10 -43.00
C THR D 74 28.14 -12.63 -41.57
N ILE D 75 27.14 -13.40 -41.13
CA ILE D 75 27.23 -14.19 -39.91
C ILE D 75 27.19 -15.65 -40.34
N SER D 76 28.30 -16.37 -40.12
CA SER D 76 28.52 -17.64 -40.79
C SER D 76 27.60 -18.73 -40.24
N ASN D 77 27.43 -18.78 -38.90
CA ASN D 77 26.50 -19.70 -38.29
C ASN D 77 25.82 -19.01 -37.11
N LEU D 78 24.50 -18.92 -37.18
CA LEU D 78 23.73 -18.02 -36.35
C LEU D 78 23.53 -18.62 -34.96
N GLU D 79 23.98 -17.88 -33.94
CA GLU D 79 23.76 -18.22 -32.54
C GLU D 79 22.54 -17.46 -32.03
N PRO D 80 21.90 -17.89 -30.91
CA PRO D 80 20.72 -17.20 -30.38
C PRO D 80 20.97 -15.76 -29.91
N GLU D 81 22.20 -15.47 -29.46
CA GLU D 81 22.55 -14.17 -28.92
C GLU D 81 22.88 -13.17 -30.03
N ASP D 82 22.70 -13.58 -31.30
CA ASP D 82 22.94 -12.68 -32.43
C ASP D 82 21.67 -11.89 -32.74
N ILE D 83 20.59 -12.14 -31.99
CA ILE D 83 19.39 -11.33 -32.06
C ILE D 83 19.78 -9.88 -31.78
N ALA D 84 19.55 -9.00 -32.75
CA ALA D 84 19.97 -7.61 -32.67
C ALA D 84 19.53 -6.85 -33.92
N THR D 85 19.78 -5.54 -33.92
CA THR D 85 19.68 -4.73 -35.12
C THR D 85 21.09 -4.35 -35.56
N TYR D 86 21.36 -4.47 -36.87
CA TYR D 86 22.68 -4.23 -37.42
C TYR D 86 22.66 -2.98 -38.30
N TYR D 87 23.63 -2.09 -38.06
CA TYR D 87 23.70 -0.80 -38.72
C TYR D 87 25.05 -0.62 -39.42
N CYS D 88 25.02 -0.16 -40.67
CA CYS D 88 26.23 0.28 -41.34
C CYS D 88 26.37 1.80 -41.21
N GLN D 89 27.62 2.27 -41.35
CA GLN D 89 27.97 3.67 -41.15
C GLN D 89 29.16 4.02 -42.03
N GLN D 90 29.01 5.06 -42.86
CA GLN D 90 30.09 5.54 -43.71
C GLN D 90 30.79 6.71 -43.01
N TYR D 91 32.09 6.85 -43.28
CA TYR D 91 32.86 8.01 -42.85
C TYR D 91 33.76 8.50 -43.98
N SER D 92 33.28 8.33 -45.22
CA SER D 92 33.90 8.91 -46.40
C SER D 92 33.83 10.43 -46.34
N ASN D 93 32.62 10.96 -46.08
CA ASN D 93 32.38 12.40 -45.98
C ASN D 93 31.57 12.71 -44.73
N LEU D 94 31.77 13.93 -44.20
CA LEU D 94 30.88 14.47 -43.17
C LEU D 94 29.59 14.93 -43.85
N PRO D 95 28.41 14.81 -43.20
CA PRO D 95 28.30 14.14 -41.91
C PRO D 95 28.37 12.62 -42.02
N TYR D 96 28.84 11.96 -40.96
CA TYR D 96 28.70 10.51 -40.86
C TYR D 96 27.21 10.18 -40.99
N THR D 97 26.90 9.13 -41.77
CA THR D 97 25.52 8.70 -41.94
C THR D 97 25.42 7.20 -41.73
N PHE D 98 24.26 6.76 -41.21
CA PHE D 98 23.99 5.36 -40.92
C PHE D 98 22.91 4.82 -41.84
N GLY D 99 22.96 3.52 -42.12
CA GLY D 99 21.85 2.82 -42.75
C GLY D 99 20.64 2.74 -41.81
N GLY D 100 19.48 2.38 -42.38
CA GLY D 100 18.24 2.30 -41.63
C GLY D 100 18.19 1.10 -40.67
N GLY D 101 19.11 0.16 -40.83
CA GLY D 101 19.26 -0.96 -39.91
C GLY D 101 18.54 -2.21 -40.40
N THR D 102 19.05 -3.37 -39.99
CA THR D 102 18.42 -4.65 -40.27
C THR D 102 18.23 -5.42 -38.97
N LYS D 103 16.96 -5.72 -38.65
CA LYS D 103 16.61 -6.42 -37.43
C LYS D 103 16.63 -7.93 -37.71
N LEU D 104 17.33 -8.67 -36.85
CA LEU D 104 17.52 -10.10 -37.01
C LEU D 104 16.84 -10.84 -35.87
N GLU D 105 15.94 -11.77 -36.23
CA GLU D 105 15.28 -12.64 -35.26
C GLU D 105 15.46 -14.10 -35.68
N ILE D 106 15.16 -15.02 -34.77
CA ILE D 106 15.46 -16.42 -34.95
C ILE D 106 14.20 -17.18 -35.36
N LYS D 107 14.35 -18.12 -36.30
CA LYS D 107 13.34 -19.12 -36.58
C LYS D 107 13.56 -20.33 -35.67
N ARG D 108 12.52 -20.67 -34.91
CA ARG D 108 12.49 -21.89 -34.10
C ARG D 108 11.26 -22.69 -34.50
N THR D 109 11.04 -23.83 -33.82
CA THR D 109 9.83 -24.61 -34.02
C THR D 109 8.64 -23.85 -33.43
N VAL D 110 7.44 -24.18 -33.92
CA VAL D 110 6.22 -23.55 -33.46
C VAL D 110 6.03 -23.90 -31.97
N ALA D 111 5.61 -22.91 -31.18
CA ALA D 111 5.33 -23.11 -29.76
C ALA D 111 4.03 -22.41 -29.40
N ALA D 112 3.09 -23.17 -28.83
CA ALA D 112 1.80 -22.64 -28.44
C ALA D 112 1.96 -21.76 -27.21
N PRO D 113 1.20 -20.66 -27.09
CA PRO D 113 1.22 -19.84 -25.88
C PRO D 113 0.49 -20.52 -24.73
N SER D 114 1.03 -20.37 -23.51
CA SER D 114 0.26 -20.56 -22.29
C SER D 114 -0.55 -19.29 -22.06
N VAL D 115 -1.86 -19.44 -21.80
CA VAL D 115 -2.74 -18.28 -21.69
C VAL D 115 -3.23 -18.16 -20.25
N PHE D 116 -3.24 -16.92 -19.74
CA PHE D 116 -3.69 -16.61 -18.39
C PHE D 116 -4.55 -15.35 -18.44
N ILE D 117 -5.63 -15.33 -17.65
CA ILE D 117 -6.45 -14.13 -17.54
C ILE D 117 -6.42 -13.64 -16.09
N PHE D 118 -6.42 -12.32 -15.93
CA PHE D 118 -6.34 -11.67 -14.63
C PHE D 118 -7.47 -10.66 -14.50
N PRO D 119 -8.34 -10.77 -13.48
CA PRO D 119 -9.38 -9.77 -13.25
C PRO D 119 -8.76 -8.49 -12.71
N PRO D 120 -9.51 -7.36 -12.68
CA PRO D 120 -9.02 -6.16 -12.03
C PRO D 120 -8.99 -6.34 -10.53
N SER D 121 -8.03 -5.69 -9.86
CA SER D 121 -7.99 -5.62 -8.41
C SER D 121 -9.12 -4.72 -7.91
N ASP D 122 -9.60 -4.98 -6.68
CA ASP D 122 -10.53 -4.09 -6.02
C ASP D 122 -9.87 -2.74 -5.77
N GLU D 123 -8.55 -2.76 -5.51
CA GLU D 123 -7.79 -1.54 -5.25
C GLU D 123 -7.91 -0.58 -6.43
N GLN D 124 -7.80 -1.10 -7.65
CA GLN D 124 -8.01 -0.28 -8.83
C GLN D 124 -9.48 0.08 -8.99
N LEU D 125 -10.34 -0.93 -8.81
CA LEU D 125 -11.75 -0.85 -9.18
C LEU D 125 -12.46 0.27 -8.41
N LYS D 126 -12.06 0.51 -7.16
CA LYS D 126 -12.70 1.50 -6.32
C LYS D 126 -12.46 2.91 -6.87
N SER D 127 -11.44 3.07 -7.73
CA SER D 127 -11.11 4.39 -8.24
CA SER D 127 -11.04 4.36 -8.28
C SER D 127 -11.81 4.68 -9.57
N GLY D 128 -12.56 3.70 -10.08
CA GLY D 128 -13.50 3.96 -11.16
C GLY D 128 -13.11 3.33 -12.50
N THR D 129 -11.99 2.61 -12.54
CA THR D 129 -11.53 1.96 -13.75
C THR D 129 -11.23 0.48 -13.48
N ALA D 130 -11.42 -0.35 -14.51
CA ALA D 130 -11.11 -1.77 -14.45
C ALA D 130 -10.17 -2.12 -15.62
N SER D 131 -9.00 -2.68 -15.29
CA SER D 131 -8.09 -3.26 -16.26
C SER D 131 -8.16 -4.78 -16.18
N VAL D 132 -8.47 -5.42 -17.30
CA VAL D 132 -8.47 -6.88 -17.40
C VAL D 132 -7.30 -7.27 -18.30
N VAL D 133 -6.47 -8.21 -17.84
CA VAL D 133 -5.23 -8.53 -18.53
C VAL D 133 -5.24 -9.99 -18.97
N CYS D 134 -4.92 -10.20 -20.25
CA CYS D 134 -4.73 -11.52 -20.82
C CYS D 134 -3.25 -11.66 -21.19
N LEU D 135 -2.62 -12.75 -20.72
CA LEU D 135 -1.20 -13.00 -20.95
C LEU D 135 -1.03 -14.23 -21.83
N LEU D 136 -0.22 -14.08 -22.89
CA LEU D 136 0.23 -15.18 -23.74
C LEU D 136 1.72 -15.38 -23.51
N ASN D 137 2.12 -16.54 -22.99
CA ASN D 137 3.48 -16.72 -22.50
C ASN D 137 4.26 -17.66 -23.41
N ASN D 138 5.42 -17.19 -23.88
CA ASN D 138 6.48 -18.01 -24.49
C ASN D 138 5.94 -18.78 -25.69
N PHE D 139 5.69 -18.06 -26.80
CA PHE D 139 5.15 -18.65 -28.01
C PHE D 139 5.97 -18.24 -29.22
N TYR D 140 5.73 -18.94 -30.34
CA TYR D 140 6.35 -18.63 -31.62
C TYR D 140 5.52 -19.24 -32.75
N PRO D 141 5.29 -18.53 -33.89
CA PRO D 141 5.81 -17.19 -34.14
C PRO D 141 5.04 -16.07 -33.44
N ARG D 142 5.47 -14.83 -33.69
CA ARG D 142 4.95 -13.64 -33.03
C ARG D 142 3.48 -13.43 -33.36
N GLU D 143 3.07 -13.77 -34.59
CA GLU D 143 1.70 -13.54 -35.04
C GLU D 143 0.73 -14.25 -34.10
N ALA D 144 -0.23 -13.50 -33.58
CA ALA D 144 -1.22 -14.01 -32.65
C ALA D 144 -2.43 -13.09 -32.65
N LYS D 145 -3.62 -13.68 -32.41
CA LYS D 145 -4.86 -12.92 -32.36
C LYS D 145 -5.48 -13.08 -30.98
N VAL D 146 -5.75 -11.94 -30.33
CA VAL D 146 -6.44 -11.91 -29.05
C VAL D 146 -7.76 -11.17 -29.25
N GLN D 147 -8.87 -11.82 -28.89
CA GLN D 147 -10.18 -11.21 -28.94
C GLN D 147 -10.81 -11.24 -27.56
N TRP D 148 -11.33 -10.08 -27.13
CA TRP D 148 -12.02 -9.96 -25.86
C TRP D 148 -13.51 -10.18 -26.06
N LYS D 149 -14.13 -10.92 -25.13
CA LYS D 149 -15.57 -11.11 -25.12
C LYS D 149 -16.10 -10.78 -23.73
N VAL D 150 -17.23 -10.06 -23.69
CA VAL D 150 -17.89 -9.68 -22.46
C VAL D 150 -19.36 -10.08 -22.56
N ASP D 151 -19.74 -11.13 -21.81
CA ASP D 151 -20.98 -11.85 -22.01
C ASP D 151 -21.11 -12.25 -23.48
N ASN D 152 -20.00 -12.77 -24.02
CA ASN D 152 -19.95 -13.34 -25.36
C ASN D 152 -20.16 -12.26 -26.43
N ALA D 153 -19.97 -10.99 -26.05
CA ALA D 153 -20.03 -9.88 -26.99
C ALA D 153 -18.61 -9.42 -27.31
N LEU D 154 -18.23 -9.48 -28.59
CA LEU D 154 -16.89 -9.15 -29.02
C LEU D 154 -16.63 -7.66 -28.80
N GLN D 155 -15.53 -7.37 -28.08
CA GLN D 155 -15.14 -5.99 -27.77
C GLN D 155 -14.27 -5.44 -28.90
N SER D 156 -14.30 -4.12 -29.06
CA SER D 156 -13.54 -3.46 -30.10
C SER D 156 -13.12 -2.06 -29.66
N GLY D 157 -11.83 -1.73 -29.84
CA GLY D 157 -11.34 -0.38 -29.67
C GLY D 157 -11.06 0.00 -28.22
N ASN D 158 -11.09 -0.99 -27.32
CA ASN D 158 -10.92 -0.73 -25.90
C ASN D 158 -9.85 -1.64 -25.32
N SER D 159 -8.90 -2.08 -26.16
CA SER D 159 -7.78 -2.89 -25.69
C SER D 159 -6.49 -2.41 -26.35
N GLN D 160 -5.36 -2.76 -25.72
CA GLN D 160 -4.02 -2.47 -26.22
C GLN D 160 -3.13 -3.67 -25.94
N GLU D 161 -2.24 -3.96 -26.89
CA GLU D 161 -1.30 -5.07 -26.78
C GLU D 161 0.12 -4.56 -26.58
N SER D 162 0.94 -5.38 -25.93
CA SER D 162 2.37 -5.17 -25.81
C SER D 162 3.05 -6.51 -26.00
N VAL D 163 4.19 -6.52 -26.71
CA VAL D 163 4.89 -7.75 -27.03
C VAL D 163 6.35 -7.59 -26.61
N THR D 164 6.90 -8.61 -25.94
CA THR D 164 8.31 -8.61 -25.57
C THR D 164 9.16 -8.80 -26.82
N GLU D 165 10.44 -8.39 -26.70
CA GLU D 165 11.44 -8.75 -27.69
C GLU D 165 11.68 -10.25 -27.60
N GLN D 166 12.22 -10.83 -28.67
CA GLN D 166 12.45 -12.27 -28.69
C GLN D 166 13.44 -12.63 -27.59
N ASP D 167 13.11 -13.66 -26.82
CA ASP D 167 13.97 -14.13 -25.74
C ASP D 167 15.30 -14.61 -26.34
N SER D 168 16.40 -14.37 -25.63
CA SER D 168 17.74 -14.64 -26.12
C SER D 168 18.07 -16.12 -26.06
N LYS D 169 17.31 -16.89 -25.25
CA LYS D 169 17.60 -18.29 -25.03
C LYS D 169 16.65 -19.17 -25.83
N ASP D 170 15.35 -19.11 -25.51
CA ASP D 170 14.37 -20.02 -26.09
C ASP D 170 13.74 -19.43 -27.35
N SER D 171 14.07 -18.17 -27.68
CA SER D 171 13.68 -17.54 -28.93
C SER D 171 12.17 -17.37 -29.05
N THR D 172 11.48 -17.23 -27.90
CA THR D 172 10.02 -17.07 -27.89
C THR D 172 9.65 -15.62 -27.63
N TYR D 173 8.37 -15.32 -27.86
CA TYR D 173 7.78 -14.04 -27.52
C TYR D 173 6.74 -14.25 -26.43
N SER D 174 6.43 -13.17 -25.71
CA SER D 174 5.26 -13.11 -24.85
C SER D 174 4.46 -11.85 -25.18
N LEU D 175 3.15 -11.89 -24.92
CA LEU D 175 2.24 -10.81 -25.27
C LEU D 175 1.26 -10.58 -24.13
N SER D 176 1.02 -9.31 -23.81
CA SER D 176 -0.04 -8.91 -22.90
C SER D 176 -1.09 -8.11 -23.68
N SER D 177 -2.36 -8.34 -23.35
CA SER D 177 -3.47 -7.57 -23.88
C SER D 177 -4.29 -7.04 -22.72
N THR D 178 -4.52 -5.71 -22.70
CA THR D 178 -5.22 -5.06 -21.61
C THR D 178 -6.54 -4.47 -22.12
N LEU D 179 -7.66 -4.97 -21.57
CA LEU D 179 -8.98 -4.42 -21.80
C LEU D 179 -9.29 -3.43 -20.69
N THR D 180 -9.70 -2.21 -21.07
CA THR D 180 -9.97 -1.15 -20.11
C THR D 180 -11.46 -0.79 -20.18
N LEU D 181 -12.09 -0.74 -19.00
CA LEU D 181 -13.51 -0.46 -18.86
C LEU D 181 -13.71 0.47 -17.67
N SER D 182 -14.79 1.25 -17.72
CA SER D 182 -15.27 1.97 -16.55
C SER D 182 -15.74 0.97 -15.50
N LYS D 183 -15.72 1.39 -14.23
CA LYS D 183 -16.26 0.58 -13.15
C LYS D 183 -17.70 0.19 -13.45
N ALA D 184 -18.50 1.17 -13.92
CA ALA D 184 -19.91 0.96 -14.20
C ALA D 184 -20.10 -0.11 -15.26
N ASP D 185 -19.40 0.03 -16.40
CA ASP D 185 -19.51 -0.92 -17.50
C ASP D 185 -19.07 -2.30 -17.03
N TYR D 186 -17.96 -2.36 -16.28
CA TYR D 186 -17.45 -3.61 -15.75
C TYR D 186 -18.52 -4.33 -14.93
N GLU D 187 -19.30 -3.55 -14.15
CA GLU D 187 -20.23 -4.11 -13.20
C GLU D 187 -21.59 -4.40 -13.84
N LYS D 188 -21.77 -4.09 -15.13
CA LYS D 188 -22.95 -4.51 -15.86
C LYS D 188 -22.88 -6.00 -16.16
N HIS D 189 -21.68 -6.48 -16.51
CA HIS D 189 -21.50 -7.76 -17.17
C HIS D 189 -20.93 -8.78 -16.20
N LYS D 190 -20.90 -10.05 -16.62
CA LYS D 190 -20.60 -11.16 -15.74
C LYS D 190 -19.35 -11.90 -16.22
N VAL D 191 -19.36 -12.37 -17.48
CA VAL D 191 -18.35 -13.27 -18.00
C VAL D 191 -17.31 -12.47 -18.79
N TYR D 192 -16.04 -12.61 -18.41
CA TYR D 192 -14.94 -11.94 -19.09
C TYR D 192 -13.99 -12.99 -19.66
N ALA D 193 -13.77 -12.93 -20.97
CA ALA D 193 -13.02 -13.96 -21.69
C ALA D 193 -12.09 -13.33 -22.72
N CYS D 194 -10.84 -13.81 -22.78
CA CYS D 194 -9.97 -13.54 -23.91
C CYS D 194 -9.79 -14.84 -24.70
N GLU D 195 -9.99 -14.74 -26.02
CA GLU D 195 -9.87 -15.86 -26.93
C GLU D 195 -8.59 -15.68 -27.74
N VAL D 196 -7.78 -16.75 -27.82
CA VAL D 196 -6.46 -16.69 -28.41
C VAL D 196 -6.41 -17.62 -29.62
N THR D 197 -6.03 -17.06 -30.78
CA THR D 197 -5.75 -17.84 -31.98
C THR D 197 -4.25 -17.78 -32.25
N HIS D 198 -3.65 -18.95 -32.49
CA HIS D 198 -2.24 -19.05 -32.77
C HIS D 198 -1.97 -20.36 -33.51
N GLN D 199 -0.87 -20.39 -34.27
CA GLN D 199 -0.56 -21.49 -35.16
C GLN D 199 -0.32 -22.78 -34.37
N GLY D 200 0.27 -22.65 -33.18
CA GLY D 200 0.58 -23.80 -32.33
C GLY D 200 -0.65 -24.39 -31.64
N LEU D 201 -1.79 -23.69 -31.73
CA LEU D 201 -3.04 -24.17 -31.16
C LEU D 201 -3.88 -24.82 -32.26
N SER D 202 -4.37 -26.03 -31.98
CA SER D 202 -5.22 -26.76 -32.91
C SER D 202 -6.51 -25.97 -33.19
N SER D 203 -7.05 -25.35 -32.13
CA SER D 203 -8.19 -24.46 -32.25
C SER D 203 -8.08 -23.37 -31.18
N PRO D 204 -8.85 -22.27 -31.28
CA PRO D 204 -8.73 -21.15 -30.33
C PRO D 204 -8.95 -21.54 -28.87
N VAL D 205 -8.07 -21.02 -27.99
CA VAL D 205 -8.17 -21.25 -26.56
C VAL D 205 -8.83 -20.03 -25.93
N THR D 206 -9.82 -20.28 -25.07
CA THR D 206 -10.48 -19.23 -24.30
C THR D 206 -10.17 -19.41 -22.82
N LYS D 207 -9.72 -18.33 -22.17
CA LYS D 207 -9.66 -18.25 -20.73
C LYS D 207 -10.68 -17.22 -20.26
N SER D 208 -11.40 -17.53 -19.17
CA SER D 208 -12.46 -16.66 -18.72
C SER D 208 -12.66 -16.77 -17.21
N PHE D 209 -13.34 -15.75 -16.66
CA PHE D 209 -13.79 -15.75 -15.29
C PHE D 209 -15.17 -15.10 -15.25
N ASN D 210 -15.94 -15.36 -14.18
CA ASN D 210 -17.19 -14.65 -13.96
C ASN D 210 -17.00 -13.70 -12.78
N ARG D 211 -17.45 -12.45 -12.96
CA ARG D 211 -17.36 -11.42 -11.94
C ARG D 211 -18.38 -11.69 -10.85
N GLY D 212 -18.04 -12.59 -9.92
CA GLY D 212 -18.90 -12.93 -8.80
C GLY D 212 -20.30 -13.37 -9.24
N GLU D 213 -21.32 -12.88 -8.54
CA GLU D 213 -22.72 -13.10 -8.88
C GLU D 213 -23.06 -14.58 -8.66
C1 GOL E . -0.98 9.24 41.89
O1 GOL E . -0.37 8.91 40.65
C2 GOL E . -2.44 9.62 41.74
O2 GOL E . -3.09 8.77 40.80
C3 GOL E . -3.21 9.58 43.05
O3 GOL E . -2.37 9.86 44.18
H11 GOL E . -0.49 10.00 42.30
H12 GOL E . -0.90 8.46 42.50
HO1 GOL E . 0.45 8.76 40.77
H2 GOL E . -2.48 10.54 41.40
HO2 GOL E . -3.75 8.43 41.15
H31 GOL E . -3.60 8.67 43.17
H32 GOL E . -3.93 10.23 43.03
HO3 GOL E . -1.92 10.56 44.01
C1 GOL F . -21.42 23.07 49.95
O1 GOL F . -21.04 22.57 48.68
C2 GOL F . -20.79 22.29 51.07
O2 GOL F . -19.41 22.04 50.77
C3 GOL F . -20.91 22.97 52.41
O3 GOL F . -20.89 22.04 53.49
H11 GOL F . -22.41 23.03 50.04
H12 GOL F . -21.14 24.02 50.02
HO1 GOL F . -21.40 23.09 48.05
H2 GOL F . -21.25 21.41 51.13
HO2 GOL F . -19.00 22.23 51.37
H31 GOL F . -21.75 23.48 52.45
H32 GOL F . -20.16 23.61 52.52
HO3 GOL F . -20.14 21.65 53.50
C1 GOL G . -12.97 25.44 44.33
O1 GOL G . -12.22 25.46 43.12
C2 GOL G . -14.19 24.55 44.22
O2 GOL G . -14.98 24.65 45.40
C3 GOL G . -15.05 24.85 43.01
O3 GOL G . -16.37 24.37 43.16
H11 GOL G . -13.27 26.35 44.55
H12 GOL G . -12.40 25.11 45.06
HO1 GOL G . -11.59 25.96 43.26
H2 GOL G . -13.88 23.62 44.14
HO2 GOL G . -15.82 24.79 45.17
H31 GOL G . -14.64 24.44 42.22
H32 GOL G . -15.07 25.83 42.87
HO3 GOL G . -16.33 23.58 43.54
#